data_3OKG
#
_entry.id   3OKG
#
_cell.length_a   60.993
_cell.length_b   137.798
_cell.length_c   142.398
_cell.angle_alpha   90.00
_cell.angle_beta   90.00
_cell.angle_gamma   90.00
#
_symmetry.space_group_name_H-M   'P 21 21 21'
#
loop_
_entity.id
_entity.type
_entity.pdbx_description
1 polymer 'Restriction endonuclease S subunits'
2 non-polymer 'SULFATE ION'
3 water water
#
_entity_poly.entity_id   1
_entity_poly.type   'polypeptide(L)'
_entity_poly.pdbx_seq_one_letter_code
;MSHHHHHHSMDIEFMTEGPYKLPPGWRWVRLGEVCLPTERRDPTKNPSTYFVYVDISAIDSTVGKIVSPKEILGQHAPSR
ARKVIRSGDVIFATTRPYLKNIALVPPDLDGQICSTGFCVIRANREFAEPEFLFHLCRSDFITNQLTASKMRGTSYPAVT
DNDVYNTLIPLPPLEEQRRIVAKVEALMERVREVRRLRAEAQKDTELLMQTALAEVFPHPGADLPPGWRWVRLGEVCDII
MGQSPPSSTYNFEGNGLPFFQGKADFGDLHPTPRIWCSAPQKVARPGDVLISVRAPVGSTNVANLACCIGRGLAALRPRD
SLERFWLLYYLHYLEPELSKMGAGSTFNAITKKDLQNVFIPLPPLEEQRRIVAYLDQIQQQVAALKRAQAETEAELKRLE
QAILDKAFRGDL
;
_entity_poly.pdbx_strand_id   A,B
#
# COMPACT_ATOMS: atom_id res chain seq x y z
N MET A 15 -19.41 5.55 35.34
CA MET A 15 -19.86 5.78 36.71
C MET A 15 -19.20 7.02 37.30
N THR A 16 -18.42 6.80 38.34
CA THR A 16 -17.52 7.83 38.84
C THR A 16 -16.28 7.90 37.96
N GLU A 17 -16.17 7.00 37.00
CA GLU A 17 -14.94 6.89 36.20
C GLU A 17 -14.84 7.91 35.06
N GLY A 18 -15.96 8.52 34.65
CA GLY A 18 -15.94 9.44 33.52
C GLY A 18 -15.96 8.69 32.22
N PRO A 19 -15.64 9.35 31.09
CA PRO A 19 -15.76 8.69 29.77
C PRO A 19 -15.12 7.32 29.70
N TYR A 20 -13.91 7.16 30.23
CA TYR A 20 -13.27 5.86 30.36
C TYR A 20 -12.31 5.93 31.53
N LYS A 21 -11.87 4.78 31.99
CA LYS A 21 -11.11 4.69 33.23
C LYS A 21 -9.64 5.08 33.02
N LEU A 22 -9.15 5.98 33.85
CA LEU A 22 -7.78 6.51 33.70
C LEU A 22 -6.90 5.88 34.75
N PRO A 23 -5.58 5.88 34.50
CA PRO A 23 -4.64 5.38 35.52
C PRO A 23 -4.78 6.15 36.81
N PRO A 24 -4.36 5.54 37.92
CA PRO A 24 -4.35 6.18 39.24
C PRO A 24 -3.67 7.54 39.16
N GLY A 25 -4.27 8.55 39.77
CA GLY A 25 -3.65 9.86 39.84
C GLY A 25 -4.04 10.80 38.70
N TRP A 26 -4.52 10.25 37.59
CA TRP A 26 -5.06 11.11 36.53
C TRP A 26 -6.46 11.57 36.91
N ARG A 27 -6.93 12.66 36.30
CA ARG A 27 -8.31 13.09 36.53
C ARG A 27 -8.97 13.61 35.26
N TRP A 28 -10.30 13.59 35.23
CA TRP A 28 -11.07 14.14 34.11
C TRP A 28 -11.46 15.58 34.39
N VAL A 29 -11.19 16.48 33.45
CA VAL A 29 -11.61 17.87 33.54
C VAL A 29 -12.12 18.38 32.19
N ARG A 30 -12.85 19.50 32.20
CA ARG A 30 -13.11 20.19 30.94
C ARG A 30 -11.82 20.90 30.54
N LEU A 31 -11.54 20.99 29.25
CA LEU A 31 -10.31 21.62 28.77
C LEU A 31 -10.19 23.01 29.40
N GLY A 32 -11.29 23.75 29.39
CA GLY A 32 -11.31 25.13 29.89
C GLY A 32 -10.80 25.27 31.33
N GLU A 33 -10.94 24.21 32.11
CA GLU A 33 -10.53 24.26 33.50
C GLU A 33 -9.03 24.39 33.65
N VAL A 34 -8.28 23.97 32.64
CA VAL A 34 -6.82 24.12 32.68
C VAL A 34 -6.33 25.15 31.65
N CYS A 35 -7.21 26.08 31.26
CA CYS A 35 -6.83 27.17 30.37
C CYS A 35 -6.88 28.51 31.07
N LEU A 36 -6.20 29.50 30.50
CA LEU A 36 -6.21 30.87 31.00
C LEU A 36 -6.98 31.80 30.06
N PRO A 37 -7.37 32.98 30.55
CA PRO A 37 -8.04 33.93 29.67
C PRO A 37 -7.08 34.42 28.58
N THR A 38 -7.67 34.86 27.47
CA THR A 38 -6.93 35.28 26.29
C THR A 38 -7.48 36.64 25.90
N GLU A 39 -6.74 37.37 25.06
CA GLU A 39 -7.11 38.74 24.71
C GLU A 39 -7.12 38.94 23.22
N ARG A 40 -7.71 40.05 22.81
CA ARG A 40 -7.76 40.46 21.43
C ARG A 40 -7.03 41.79 21.25
N ARG A 41 -6.68 42.08 20.02
CA ARG A 41 -6.04 43.34 19.68
C ARG A 41 -6.36 43.67 18.22
N ASP A 42 -6.52 44.95 17.93
CA ASP A 42 -6.81 45.39 16.57
C ASP A 42 -5.54 45.99 15.99
N PRO A 43 -4.85 45.23 15.12
CA PRO A 43 -3.56 45.72 14.64
C PRO A 43 -3.71 46.99 13.79
N THR A 44 -4.92 47.26 13.29
CA THR A 44 -5.16 48.44 12.46
C THR A 44 -4.94 49.72 13.25
N LYS A 45 -4.85 49.59 14.58
CA LYS A 45 -4.65 50.74 15.45
C LYS A 45 -3.19 51.13 15.49
N ASN A 46 -2.33 50.26 14.96
CA ASN A 46 -0.93 50.61 14.72
C ASN A 46 -0.67 50.33 13.25
N PRO A 47 -1.17 51.21 12.38
CA PRO A 47 -1.21 51.01 10.93
C PRO A 47 0.19 50.82 10.34
N SER A 48 1.23 51.40 10.94
CA SER A 48 2.57 51.30 10.36
C SER A 48 3.39 50.20 10.97
N THR A 49 2.76 49.40 11.81
CA THR A 49 3.48 48.37 12.54
C THR A 49 3.18 47.00 11.95
N TYR A 50 4.24 46.26 11.60
CA TYR A 50 4.06 44.91 11.08
C TYR A 50 3.64 43.98 12.22
N PHE A 51 2.78 43.02 11.91
CA PHE A 51 2.55 41.90 12.83
C PHE A 51 2.55 40.62 12.03
N VAL A 52 2.73 39.48 12.69
CA VAL A 52 2.69 38.22 11.98
C VAL A 52 1.31 37.59 12.17
N TYR A 53 0.67 37.16 11.07
CA TYR A 53 -0.70 36.67 11.12
C TYR A 53 -0.73 35.17 10.85
N VAL A 54 -1.37 34.42 11.75
CA VAL A 54 -1.61 33.00 11.55
C VAL A 54 -3.09 32.73 11.18
N ASP A 55 -3.35 32.39 9.92
CA ASP A 55 -4.69 31.97 9.54
C ASP A 55 -4.65 30.47 9.32
N ILE A 56 -5.78 29.93 8.88
CA ILE A 56 -5.90 28.48 8.66
C ILE A 56 -4.88 28.00 7.63
N SER A 57 -4.74 28.76 6.56
CA SER A 57 -3.79 28.39 5.51
C SER A 57 -2.36 28.29 6.02
N ALA A 58 -2.05 28.94 7.14
CA ALA A 58 -0.68 28.94 7.70
C ALA A 58 -0.28 27.59 8.31
N ILE A 59 -1.29 26.74 8.53
CA ILE A 59 -1.07 25.48 9.23
C ILE A 59 -0.94 24.29 8.29
N ASP A 60 0.05 23.44 8.56
CA ASP A 60 0.16 22.12 7.95
C ASP A 60 -0.64 21.16 8.85
N SER A 61 -1.81 20.76 8.38
CA SER A 61 -2.74 20.02 9.26
C SER A 61 -2.26 18.59 9.45
N THR A 62 -1.38 18.13 8.56
CA THR A 62 -0.87 16.76 8.68
C THR A 62 -0.10 16.50 9.96
N VAL A 63 0.72 17.47 10.39
CA VAL A 63 1.44 17.30 11.64
C VAL A 63 1.05 18.37 12.66
N GLY A 64 0.23 19.32 12.25
CA GLY A 64 -0.24 20.33 13.17
C GLY A 64 0.84 21.35 13.47
N LYS A 65 1.39 21.97 12.42
CA LYS A 65 2.50 22.92 12.65
C LYS A 65 2.21 24.22 11.91
N ILE A 66 2.54 25.35 12.52
CA ILE A 66 2.38 26.63 11.84
C ILE A 66 3.60 26.75 10.90
N VAL A 67 3.39 26.66 9.60
CA VAL A 67 4.52 26.66 8.67
C VAL A 67 4.53 27.84 7.70
N SER A 68 3.41 28.52 7.51
CA SER A 68 3.41 29.64 6.55
C SER A 68 2.60 30.87 6.98
N PRO A 69 2.99 31.46 8.10
CA PRO A 69 2.29 32.67 8.54
C PRO A 69 2.79 33.83 7.68
N LYS A 70 2.04 34.92 7.65
CA LYS A 70 2.40 36.04 6.78
C LYS A 70 2.63 37.28 7.59
N GLU A 71 3.69 38.04 7.28
CA GLU A 71 3.90 39.27 8.00
C GLU A 71 3.11 40.35 7.27
N ILE A 72 2.28 41.04 8.03
CA ILE A 72 1.34 41.99 7.46
C ILE A 72 1.43 43.36 8.14
N LEU A 73 1.27 44.41 7.34
CA LEU A 73 1.24 45.76 7.88
C LEU A 73 -0.08 45.98 8.61
N GLY A 74 -0.04 46.62 9.78
CA GLY A 74 -1.26 46.78 10.57
C GLY A 74 -2.39 47.39 9.77
N GLN A 75 -2.06 48.39 8.98
CA GLN A 75 -3.05 49.02 8.10
C GLN A 75 -3.86 47.99 7.33
N HIS A 76 -3.20 46.90 6.95
CA HIS A 76 -3.82 45.91 6.09
C HIS A 76 -4.32 44.65 6.81
N ALA A 77 -4.37 44.71 8.14
CA ALA A 77 -4.92 43.58 8.91
C ALA A 77 -6.30 43.17 8.43
N PRO A 78 -6.46 41.89 8.07
CA PRO A 78 -7.74 41.26 7.77
C PRO A 78 -8.70 41.44 8.96
N SER A 79 -9.99 41.37 8.69
CA SER A 79 -10.95 41.63 9.76
C SER A 79 -10.90 40.55 10.83
N ARG A 80 -10.52 39.32 10.47
CA ARG A 80 -10.42 38.24 11.46
C ARG A 80 -9.13 38.27 12.28
N ALA A 81 -8.22 39.15 11.92
CA ALA A 81 -6.94 39.16 12.59
C ALA A 81 -7.04 39.89 13.92
N ARG A 82 -7.49 39.20 14.97
CA ARG A 82 -7.76 39.90 16.22
C ARG A 82 -7.36 39.19 17.51
N LYS A 83 -7.00 37.91 17.43
CA LYS A 83 -6.70 37.17 18.68
C LYS A 83 -5.20 37.14 18.90
N VAL A 84 -4.77 37.58 20.09
CA VAL A 84 -3.36 37.66 20.41
C VAL A 84 -2.89 36.28 20.82
N ILE A 85 -1.83 35.77 20.19
CA ILE A 85 -1.31 34.49 20.63
C ILE A 85 -0.02 34.65 21.41
N ARG A 86 0.23 33.66 22.25
CA ARG A 86 1.44 33.64 23.08
C ARG A 86 2.17 32.33 22.93
N SER A 87 3.49 32.36 23.14
CA SER A 87 4.27 31.14 23.06
C SER A 87 3.60 30.02 23.85
N GLY A 88 3.45 28.86 23.24
CA GLY A 88 2.87 27.73 23.96
C GLY A 88 1.36 27.61 23.84
N ASP A 89 0.70 28.60 23.24
CA ASP A 89 -0.75 28.47 23.07
C ASP A 89 -0.98 27.31 22.09
N VAL A 90 -2.12 26.65 22.21
CA VAL A 90 -2.60 25.77 21.16
C VAL A 90 -3.69 26.52 20.43
N ILE A 91 -3.63 26.53 19.10
CA ILE A 91 -4.74 27.13 18.35
C ILE A 91 -5.48 26.02 17.63
N PHE A 92 -6.80 26.07 17.70
CA PHE A 92 -7.64 24.95 17.28
C PHE A 92 -8.76 25.51 16.39
N ALA A 93 -8.74 25.22 15.11
CA ALA A 93 -9.72 25.85 14.20
C ALA A 93 -11.11 25.34 14.57
N THR A 94 -12.08 26.25 14.69
CA THR A 94 -13.45 25.84 15.01
C THR A 94 -14.24 25.48 13.75
N THR A 95 -13.78 25.93 12.59
CA THR A 95 -14.33 25.49 11.31
C THR A 95 -13.74 24.13 10.89
N ARG A 96 -14.57 23.24 10.35
CA ARG A 96 -14.14 21.90 9.94
C ARG A 96 -13.15 21.14 10.85
N PRO A 97 -13.38 21.16 12.15
CA PRO A 97 -12.42 20.60 13.13
C PRO A 97 -11.77 19.27 12.74
N TYR A 98 -12.44 18.50 11.89
CA TYR A 98 -11.93 17.18 11.57
C TYR A 98 -10.67 17.31 10.72
N LEU A 99 -10.44 18.49 10.15
CA LEU A 99 -9.26 18.66 9.30
C LEU A 99 -7.96 18.70 10.14
N LYS A 100 -8.10 19.01 11.42
CA LYS A 100 -6.97 19.11 12.36
C LYS A 100 -6.06 20.28 12.05
N ASN A 101 -6.65 21.41 11.67
CA ASN A 101 -5.91 22.65 11.66
C ASN A 101 -5.68 23.11 13.09
N ILE A 102 -4.69 22.48 13.72
CA ILE A 102 -4.51 22.63 15.15
C ILE A 102 -3.01 22.65 15.36
N ALA A 103 -2.49 23.61 16.12
CA ALA A 103 -1.03 23.79 16.16
C ALA A 103 -0.59 24.41 17.43
N LEU A 104 0.69 24.23 17.74
CA LEU A 104 1.30 24.80 18.94
C LEU A 104 2.07 26.03 18.55
N VAL A 105 1.86 27.12 19.26
CA VAL A 105 2.48 28.38 18.88
C VAL A 105 3.93 28.41 19.40
N PRO A 106 4.89 28.56 18.50
CA PRO A 106 6.31 28.58 18.89
C PRO A 106 6.65 29.88 19.61
N PRO A 107 7.84 30.00 20.20
CA PRO A 107 8.17 31.24 20.90
C PRO A 107 8.37 32.43 19.94
N ASP A 108 8.83 32.19 18.71
CA ASP A 108 9.05 33.27 17.76
C ASP A 108 7.76 34.02 17.45
N LEU A 109 6.62 33.39 17.69
CA LEU A 109 5.32 33.99 17.39
C LEU A 109 4.61 34.61 18.61
N ASP A 110 5.31 34.70 19.73
CA ASP A 110 4.74 35.32 20.92
C ASP A 110 4.27 36.75 20.65
N GLY A 111 3.03 37.05 21.02
CA GLY A 111 2.50 38.39 20.91
C GLY A 111 2.02 38.71 19.52
N GLN A 112 2.04 37.72 18.64
CA GLN A 112 1.51 37.91 17.29
C GLN A 112 0.01 37.61 17.26
N ILE A 113 -0.57 37.43 16.07
CA ILE A 113 -2.02 37.42 15.90
C ILE A 113 -2.48 36.18 15.13
N CYS A 114 -3.57 35.56 15.58
CA CYS A 114 -4.23 34.55 14.79
C CYS A 114 -5.68 34.89 14.52
N SER A 115 -6.24 34.19 13.56
CA SER A 115 -7.62 34.39 13.11
C SER A 115 -8.58 34.15 14.27
N THR A 116 -9.68 34.91 14.30
CA THR A 116 -10.77 34.64 15.25
C THR A 116 -11.38 33.26 14.98
N GLY A 117 -11.08 32.68 13.82
CA GLY A 117 -11.49 31.32 13.51
C GLY A 117 -10.81 30.24 14.33
N PHE A 118 -9.79 30.60 15.11
CA PHE A 118 -9.17 29.65 16.06
C PHE A 118 -9.64 29.86 17.46
N CYS A 119 -9.92 28.76 18.14
CA CYS A 119 -10.03 28.80 19.59
C CYS A 119 -8.62 28.81 20.20
N VAL A 120 -8.33 29.75 21.08
CA VAL A 120 -6.96 29.88 21.64
C VAL A 120 -6.93 29.21 23.02
N ILE A 121 -6.13 28.16 23.14
CA ILE A 121 -6.11 27.31 24.30
C ILE A 121 -4.75 27.52 24.99
N ARG A 122 -4.76 28.32 26.06
CA ARG A 122 -3.57 28.75 26.77
C ARG A 122 -3.43 28.00 28.08
N ALA A 123 -2.41 27.13 28.16
CA ALA A 123 -2.32 26.23 29.31
C ALA A 123 -2.09 27.00 30.57
N ASN A 124 -2.85 26.65 31.60
CA ASN A 124 -2.51 27.09 32.96
C ASN A 124 -1.44 26.11 33.41
N ARG A 125 -0.20 26.58 33.49
CA ARG A 125 0.95 25.72 33.73
C ARG A 125 0.97 25.07 35.10
N GLU A 126 0.10 25.51 35.98
CA GLU A 126 -0.06 24.82 37.25
C GLU A 126 -0.69 23.45 37.05
N PHE A 127 -1.33 23.22 35.90
CA PHE A 127 -2.14 21.99 35.72
C PHE A 127 -1.82 21.26 34.43
N ALA A 128 -1.38 21.98 33.40
CA ALA A 128 -1.22 21.36 32.09
C ALA A 128 -0.02 21.89 31.36
N GLU A 129 0.67 21.00 30.68
CA GLU A 129 1.77 21.35 29.78
C GLU A 129 1.23 21.70 28.39
N PRO A 130 1.68 22.83 27.80
CA PRO A 130 1.22 23.20 26.45
C PRO A 130 1.37 22.06 25.44
N GLU A 131 2.48 21.35 25.45
CA GLU A 131 2.71 20.31 24.45
C GLU A 131 1.72 19.15 24.66
N PHE A 132 1.36 18.92 25.93
CA PHE A 132 0.37 17.89 26.24
C PHE A 132 -0.99 18.31 25.70
N LEU A 133 -1.39 19.56 25.97
CA LEU A 133 -2.64 20.05 25.36
C LEU A 133 -2.66 19.98 23.82
N PHE A 134 -1.54 20.33 23.20
CA PHE A 134 -1.45 20.28 21.74
C PHE A 134 -1.79 18.87 21.26
N HIS A 135 -1.09 17.87 21.78
CA HIS A 135 -1.32 16.50 21.30
C HIS A 135 -2.70 15.98 21.63
N LEU A 136 -3.17 16.31 22.84
CA LEU A 136 -4.52 15.98 23.26
C LEU A 136 -5.57 16.58 22.31
N CYS A 137 -5.41 17.86 21.99
CA CYS A 137 -6.36 18.51 21.09
C CYS A 137 -6.38 17.98 19.68
N ARG A 138 -5.29 17.33 19.26
CA ARG A 138 -5.30 16.70 17.95
C ARG A 138 -6.04 15.36 17.89
N SER A 139 -6.45 14.86 19.04
CA SER A 139 -7.11 13.55 19.05
C SER A 139 -8.54 13.63 18.55
N ASP A 140 -8.98 12.59 17.84
CA ASP A 140 -10.40 12.39 17.52
C ASP A 140 -11.29 12.41 18.79
N PHE A 141 -10.72 12.04 19.93
CA PHE A 141 -11.50 12.05 21.17
C PHE A 141 -12.10 13.43 21.44
N ILE A 142 -11.38 14.48 21.03
CA ILE A 142 -11.85 15.87 21.19
C ILE A 142 -12.84 16.27 20.10
N THR A 143 -12.45 16.06 18.84
CA THR A 143 -13.30 16.26 17.68
C THR A 143 -14.66 15.69 17.89
N ASN A 144 -14.66 14.45 18.35
CA ASN A 144 -15.87 13.66 18.39
C ASN A 144 -16.85 14.18 19.45
N GLN A 145 -16.36 15.07 20.31
CA GLN A 145 -17.21 15.66 21.34
C GLN A 145 -17.91 16.95 20.89
N LEU A 146 -17.52 17.46 19.73
CA LEU A 146 -18.05 18.76 19.29
C LEU A 146 -19.37 18.55 18.55
N THR A 147 -20.46 18.72 19.26
CA THR A 147 -21.75 18.34 18.70
C THR A 147 -22.17 19.12 17.46
N ALA A 148 -21.81 20.40 17.38
CA ALA A 148 -22.16 21.22 16.23
C ALA A 148 -21.52 20.73 14.93
N SER A 149 -20.56 19.81 15.03
CA SER A 149 -19.97 19.22 13.82
C SER A 149 -20.81 18.10 13.24
N LYS A 150 -21.63 17.48 14.08
CA LYS A 150 -22.48 16.39 13.61
C LYS A 150 -23.65 16.98 12.79
N MET A 151 -24.55 16.13 12.34
CA MET A 151 -25.68 16.57 11.51
C MET A 151 -26.33 17.83 12.08
N ARG A 152 -26.60 18.80 11.21
CA ARG A 152 -27.18 20.08 11.64
C ARG A 152 -28.62 20.28 11.13
N GLY A 153 -29.47 20.85 11.97
CA GLY A 153 -30.78 21.30 11.54
C GLY A 153 -30.79 22.78 11.23
N THR A 154 -31.95 23.29 10.82
CA THR A 154 -32.09 24.73 10.53
C THR A 154 -31.54 25.67 11.61
N SER A 155 -30.72 26.61 11.17
CA SER A 155 -30.11 27.60 12.05
C SER A 155 -29.22 27.06 13.19
N TYR A 156 -28.80 25.80 13.15
CA TYR A 156 -27.84 25.32 14.16
C TYR A 156 -26.54 26.11 14.05
N PRO A 157 -26.02 26.62 15.18
CA PRO A 157 -24.71 27.30 15.13
C PRO A 157 -23.55 26.36 14.80
N ALA A 158 -22.52 26.91 14.17
CA ALA A 158 -21.27 26.17 13.96
C ALA A 158 -20.56 26.02 15.31
N VAL A 159 -19.45 25.26 15.36
CA VAL A 159 -18.70 25.09 16.59
C VAL A 159 -18.20 26.42 17.15
N THR A 160 -18.28 26.60 18.46
CA THR A 160 -17.83 27.84 19.12
C THR A 160 -16.58 27.56 19.97
N ASP A 161 -15.89 28.63 20.38
CA ASP A 161 -14.73 28.45 21.26
C ASP A 161 -15.18 27.79 22.57
N ASN A 162 -16.32 28.24 23.12
CA ASN A 162 -16.83 27.59 24.35
C ASN A 162 -17.09 26.09 24.19
N ASP A 163 -17.55 25.67 23.02
CA ASP A 163 -17.76 24.25 22.76
C ASP A 163 -16.43 23.51 22.95
N VAL A 164 -15.36 24.08 22.40
CA VAL A 164 -14.05 23.44 22.55
C VAL A 164 -13.60 23.43 24.02
N TYR A 165 -13.73 24.56 24.70
CA TYR A 165 -13.31 24.63 26.10
C TYR A 165 -14.13 23.65 26.96
N ASN A 166 -15.34 23.30 26.51
CA ASN A 166 -16.20 22.42 27.31
C ASN A 166 -15.91 20.94 27.16
N THR A 167 -15.04 20.59 26.20
CA THR A 167 -14.78 19.18 25.98
C THR A 167 -14.07 18.59 27.18
N LEU A 168 -14.27 17.29 27.43
CA LEU A 168 -13.58 16.60 28.52
C LEU A 168 -12.23 16.07 28.07
N ILE A 169 -11.23 16.15 28.96
CA ILE A 169 -9.90 15.66 28.65
C ILE A 169 -9.33 14.89 29.86
N PRO A 170 -8.54 13.83 29.60
CA PRO A 170 -7.86 13.11 30.67
C PRO A 170 -6.63 13.91 31.06
N LEU A 171 -6.41 14.07 32.35
CA LEU A 171 -5.31 14.91 32.82
C LEU A 171 -4.36 14.19 33.79
N PRO A 172 -3.25 13.68 33.28
CA PRO A 172 -2.21 13.12 34.16
C PRO A 172 -1.55 14.23 34.98
N PRO A 173 -0.73 13.86 35.97
CA PRO A 173 0.17 14.84 36.58
C PRO A 173 1.09 15.43 35.53
N LEU A 174 1.58 16.64 35.80
CA LEU A 174 2.50 17.32 34.89
C LEU A 174 3.67 16.47 34.45
N GLU A 175 4.31 15.79 35.40
CA GLU A 175 5.51 15.02 35.06
C GLU A 175 5.18 13.91 34.03
N GLU A 176 4.05 13.24 34.23
CA GLU A 176 3.61 12.20 33.29
C GLU A 176 3.19 12.82 31.95
N GLN A 177 2.59 14.01 31.97
CA GLN A 177 2.29 14.70 30.70
C GLN A 177 3.54 14.87 29.89
N ARG A 178 4.62 15.32 30.51
CA ARG A 178 5.87 15.54 29.76
C ARG A 178 6.41 14.22 29.22
N ARG A 179 6.26 13.16 29.99
CA ARG A 179 6.74 11.85 29.54
C ARG A 179 5.95 11.37 28.33
N ILE A 180 4.63 11.49 28.43
CA ILE A 180 3.77 11.13 27.30
C ILE A 180 4.07 11.94 26.04
N VAL A 181 4.29 13.24 26.18
CA VAL A 181 4.66 14.06 25.01
C VAL A 181 5.90 13.53 24.32
N ALA A 182 6.90 13.16 25.12
CA ALA A 182 8.14 12.66 24.55
C ALA A 182 7.92 11.34 23.81
N LYS A 183 7.10 10.46 24.37
CA LYS A 183 6.85 9.15 23.76
C LYS A 183 6.06 9.30 22.47
N VAL A 184 5.05 10.18 22.49
CA VAL A 184 4.26 10.40 21.28
C VAL A 184 5.12 10.94 20.14
N GLU A 185 5.94 11.95 20.44
CA GLU A 185 6.78 12.53 19.42
C GLU A 185 7.83 11.54 18.88
N ALA A 186 8.39 10.70 19.74
CA ALA A 186 9.33 9.70 19.28
C ALA A 186 8.68 8.66 18.38
N LEU A 187 7.49 8.19 18.78
CA LEU A 187 6.75 7.25 17.95
C LEU A 187 6.44 7.82 16.56
N MET A 188 5.99 9.08 16.51
CA MET A 188 5.68 9.71 15.22
C MET A 188 6.96 9.81 14.36
N GLU A 189 8.09 10.15 14.97
CA GLU A 189 9.34 10.20 14.21
C GLU A 189 9.69 8.81 13.64
N ARG A 190 9.45 7.76 14.39
CA ARG A 190 9.72 6.42 13.83
C ARG A 190 8.85 6.14 12.61
N VAL A 191 7.60 6.59 12.66
CA VAL A 191 6.78 6.49 11.45
C VAL A 191 7.42 7.14 10.24
N ARG A 192 7.88 8.39 10.38
CA ARG A 192 8.58 9.07 9.28
C ARG A 192 9.82 8.28 8.83
N GLU A 193 10.58 7.79 9.80
CA GLU A 193 11.81 7.05 9.49
C GLU A 193 11.48 5.85 8.60
N VAL A 194 10.40 5.17 8.93
CA VAL A 194 10.00 3.98 8.19
C VAL A 194 9.55 4.32 6.78
N ARG A 195 8.79 5.41 6.64
CA ARG A 195 8.40 5.88 5.32
C ARG A 195 9.59 6.14 4.42
N ARG A 196 10.61 6.81 4.96
CA ARG A 196 11.83 7.12 4.22
C ARG A 196 12.55 5.85 3.81
N LEU A 197 12.63 4.92 4.76
CA LEU A 197 13.29 3.65 4.50
C LEU A 197 12.59 2.92 3.35
N ARG A 198 11.26 2.91 3.40
CA ARG A 198 10.45 2.25 2.37
C ARG A 198 10.77 2.87 1.02
N ALA A 199 10.76 4.19 0.97
CA ALA A 199 11.10 4.92 -0.25
C ALA A 199 12.45 4.48 -0.81
N GLU A 200 13.43 4.30 0.08
CA GLU A 200 14.75 3.89 -0.34
C GLU A 200 14.70 2.46 -0.89
N ALA A 201 13.94 1.60 -0.21
CA ALA A 201 13.82 0.19 -0.63
C ALA A 201 13.15 0.10 -1.99
N GLN A 202 12.10 0.89 -2.17
CA GLN A 202 11.39 0.95 -3.43
C GLN A 202 12.36 1.25 -4.57
N LYS A 203 13.17 2.29 -4.39
CA LYS A 203 14.18 2.65 -5.38
C LYS A 203 15.22 1.54 -5.66
N ASP A 204 15.75 0.95 -4.60
CA ASP A 204 16.80 -0.07 -4.74
C ASP A 204 16.24 -1.38 -5.30
N THR A 205 14.99 -1.67 -4.96
CA THR A 205 14.39 -2.92 -5.42
C THR A 205 14.04 -2.81 -6.92
N GLU A 206 13.56 -1.65 -7.34
CA GLU A 206 13.28 -1.42 -8.76
C GLU A 206 14.56 -1.58 -9.57
N LEU A 207 15.65 -1.02 -9.05
CA LEU A 207 16.95 -1.09 -9.71
C LEU A 207 17.42 -2.55 -9.82
N LEU A 208 17.22 -3.30 -8.75
CA LEU A 208 17.49 -4.73 -8.75
C LEU A 208 16.76 -5.47 -9.89
N MET A 209 15.48 -5.18 -10.06
CA MET A 209 14.68 -5.86 -11.08
C MET A 209 15.25 -5.55 -12.46
N GLN A 210 15.42 -4.25 -12.72
CA GLN A 210 15.97 -3.77 -13.98
C GLN A 210 17.34 -4.38 -14.29
N THR A 211 18.22 -4.44 -13.29
CA THR A 211 19.52 -5.07 -13.40
C THR A 211 19.44 -6.58 -13.69
N ALA A 212 18.53 -7.25 -12.99
CA ALA A 212 18.36 -8.69 -13.20
C ALA A 212 17.87 -9.00 -14.63
N LEU A 213 16.94 -8.21 -15.14
CA LEU A 213 16.38 -8.46 -16.46
C LEU A 213 17.46 -8.23 -17.52
N ALA A 214 18.21 -7.13 -17.37
CA ALA A 214 19.31 -6.79 -18.28
C ALA A 214 20.36 -7.88 -18.38
N GLU A 215 20.58 -8.59 -17.28
CA GLU A 215 21.57 -9.65 -17.26
C GLU A 215 21.07 -10.89 -18.00
N VAL A 216 19.82 -11.27 -17.76
CA VAL A 216 19.32 -12.51 -18.36
C VAL A 216 18.88 -12.30 -19.79
N PHE A 217 18.59 -11.05 -20.13
CA PHE A 217 18.12 -10.70 -21.48
C PHE A 217 19.13 -9.78 -22.14
N PRO A 218 20.13 -10.37 -22.76
CA PRO A 218 21.23 -9.60 -23.37
C PRO A 218 20.79 -9.34 -24.82
N HIS A 219 21.54 -8.51 -25.55
CA HIS A 219 21.20 -8.20 -26.94
C HIS A 219 21.45 -9.44 -27.78
N PRO A 220 20.61 -9.66 -28.82
CA PRO A 220 20.82 -10.86 -29.65
C PRO A 220 22.27 -10.99 -30.11
N GLY A 221 22.83 -12.19 -30.02
CA GLY A 221 24.21 -12.40 -30.42
C GLY A 221 25.18 -12.35 -29.26
N ALA A 222 24.77 -11.66 -28.18
CA ALA A 222 25.60 -11.62 -26.97
C ALA A 222 25.82 -13.03 -26.44
N ASP A 223 26.89 -13.20 -25.66
CA ASP A 223 27.25 -14.48 -25.07
C ASP A 223 26.10 -15.05 -24.26
N LEU A 224 25.84 -16.34 -24.42
CA LEU A 224 24.90 -17.01 -23.55
C LEU A 224 25.57 -18.26 -23.02
N PRO A 225 25.22 -18.65 -21.80
CA PRO A 225 25.85 -19.85 -21.26
C PRO A 225 25.68 -21.00 -22.23
N PRO A 226 26.75 -21.78 -22.42
CA PRO A 226 26.65 -22.92 -23.33
C PRO A 226 25.38 -23.71 -23.07
N GLY A 227 24.68 -24.09 -24.15
CA GLY A 227 23.47 -24.87 -24.01
C GLY A 227 22.20 -24.05 -24.17
N TRP A 228 22.31 -22.76 -23.89
CA TRP A 228 21.25 -21.83 -24.22
C TRP A 228 21.39 -21.63 -25.72
N ARG A 229 20.32 -21.24 -26.39
CA ARG A 229 20.41 -20.88 -27.79
C ARG A 229 19.65 -19.61 -28.06
N TRP A 230 20.19 -18.78 -28.94
CA TRP A 230 19.42 -17.71 -29.54
C TRP A 230 18.42 -18.26 -30.57
N VAL A 231 17.12 -18.10 -30.32
CA VAL A 231 16.10 -18.54 -31.29
C VAL A 231 15.20 -17.39 -31.70
N ARG A 232 14.51 -17.56 -32.83
CA ARG A 232 13.50 -16.60 -33.25
C ARG A 232 12.16 -17.01 -32.64
N LEU A 233 11.44 -16.05 -32.06
CA LEU A 233 10.21 -16.40 -31.34
C LEU A 233 9.35 -17.35 -32.18
N GLY A 234 9.29 -17.09 -33.48
CA GLY A 234 8.56 -17.97 -34.40
C GLY A 234 8.91 -19.45 -34.25
N GLU A 235 10.14 -19.76 -33.86
CA GLU A 235 10.56 -21.17 -33.74
C GLU A 235 10.00 -21.89 -32.55
N VAL A 236 9.74 -21.15 -31.47
CA VAL A 236 9.34 -21.78 -30.22
C VAL A 236 7.96 -21.28 -29.72
N CYS A 237 7.21 -20.65 -30.62
CA CYS A 237 5.95 -20.01 -30.26
C CYS A 237 5.00 -19.95 -31.45
N ASP A 238 3.76 -20.37 -31.26
CA ASP A 238 2.73 -20.18 -32.28
C ASP A 238 2.22 -18.75 -32.17
N ILE A 239 2.15 -18.05 -33.29
CA ILE A 239 1.70 -16.67 -33.30
C ILE A 239 0.42 -16.54 -34.12
N ILE A 240 -0.59 -15.92 -33.53
CA ILE A 240 -1.94 -15.84 -34.09
C ILE A 240 -2.33 -14.35 -34.12
N MET A 241 -2.47 -13.75 -35.30
CA MET A 241 -2.90 -12.34 -35.36
C MET A 241 -4.42 -12.29 -35.25
N GLY A 242 -4.94 -11.47 -34.35
CA GLY A 242 -6.39 -11.41 -34.16
C GLY A 242 -7.11 -10.79 -35.35
N GLN A 243 -8.40 -11.11 -35.48
CA GLN A 243 -9.22 -10.55 -36.56
C GLN A 243 -10.57 -10.11 -36.03
N SER A 244 -11.11 -9.05 -36.62
CA SER A 244 -12.48 -8.62 -36.33
C SER A 244 -13.48 -9.54 -37.02
N PRO A 245 -14.31 -10.23 -36.22
CA PRO A 245 -15.37 -11.09 -36.76
C PRO A 245 -16.42 -10.20 -37.41
N PRO A 246 -17.38 -10.81 -38.12
CA PRO A 246 -18.47 -9.97 -38.64
C PRO A 246 -19.21 -9.33 -37.47
N SER A 247 -19.38 -8.02 -37.55
CA SER A 247 -20.24 -7.30 -36.64
C SER A 247 -21.49 -8.17 -36.62
N SER A 248 -22.31 -8.01 -35.58
CA SER A 248 -23.48 -8.86 -35.41
C SER A 248 -23.26 -10.31 -34.97
N THR A 249 -22.07 -10.65 -34.46
CA THR A 249 -21.80 -11.99 -33.96
C THR A 249 -21.44 -11.80 -32.50
N TYR A 250 -21.37 -10.54 -32.08
CA TYR A 250 -21.25 -10.18 -30.65
C TYR A 250 -22.60 -10.30 -29.93
N ASN A 251 -22.54 -10.80 -28.70
CA ASN A 251 -23.71 -11.00 -27.85
C ASN A 251 -23.31 -10.99 -26.39
N PHE A 252 -24.29 -10.92 -25.50
CA PHE A 252 -24.03 -11.05 -24.06
C PHE A 252 -24.76 -12.26 -23.51
N GLU A 253 -25.01 -13.23 -24.39
CA GLU A 253 -25.78 -14.42 -24.01
C GLU A 253 -24.89 -15.63 -23.81
N GLY A 254 -23.58 -15.39 -23.74
CA GLY A 254 -22.63 -16.48 -23.59
C GLY A 254 -22.56 -17.39 -24.80
N ASN A 255 -22.83 -16.83 -25.97
CA ASN A 255 -22.81 -17.60 -27.20
C ASN A 255 -21.45 -17.52 -27.90
N GLY A 256 -20.70 -18.61 -27.79
CA GLY A 256 -19.36 -18.68 -28.36
C GLY A 256 -18.28 -18.50 -27.29
N LEU A 257 -17.50 -17.44 -27.43
CA LEU A 257 -16.36 -17.21 -26.54
C LEU A 257 -16.21 -15.72 -26.25
N PRO A 258 -15.67 -15.37 -25.08
CA PRO A 258 -15.42 -13.95 -24.80
C PRO A 258 -14.56 -13.37 -25.91
N PHE A 259 -14.75 -12.10 -26.23
CA PHE A 259 -14.03 -11.50 -27.33
C PHE A 259 -13.29 -10.26 -26.84
N PHE A 260 -12.02 -10.19 -27.16
CA PHE A 260 -11.23 -9.04 -26.76
C PHE A 260 -10.63 -8.34 -27.99
N GLN A 261 -11.07 -7.11 -28.18
CA GLN A 261 -10.73 -6.35 -29.37
C GLN A 261 -9.28 -5.93 -29.35
N GLY A 262 -8.84 -5.45 -28.21
CA GLY A 262 -7.54 -4.80 -28.13
C GLY A 262 -7.06 -4.53 -26.73
N LYS A 263 -6.05 -3.68 -26.63
CA LYS A 263 -5.40 -3.37 -25.35
C LYS A 263 -6.43 -2.92 -24.31
N ALA A 264 -7.41 -2.13 -24.74
CA ALA A 264 -8.47 -1.64 -23.86
C ALA A 264 -9.16 -2.78 -23.11
N ASP A 265 -9.20 -3.95 -23.72
CA ASP A 265 -9.86 -5.11 -23.12
C ASP A 265 -8.90 -6.01 -22.35
N PHE A 266 -7.91 -5.41 -21.71
CA PHE A 266 -6.96 -6.15 -20.88
C PHE A 266 -7.09 -5.71 -19.42
N GLY A 267 -6.81 -6.62 -18.49
CA GLY A 267 -6.95 -6.28 -17.09
C GLY A 267 -5.54 -6.29 -16.57
N ASP A 268 -5.40 -6.28 -15.26
CA ASP A 268 -4.09 -6.29 -14.63
C ASP A 268 -3.16 -7.37 -15.16
N LEU A 269 -3.63 -8.62 -15.12
CA LEU A 269 -2.88 -9.76 -15.66
C LEU A 269 -3.69 -10.48 -16.74
N HIS A 270 -4.99 -10.60 -16.51
CA HIS A 270 -5.89 -11.33 -17.43
C HIS A 270 -7.03 -10.41 -17.85
N PRO A 271 -7.59 -10.63 -19.05
CA PRO A 271 -8.71 -9.79 -19.44
C PRO A 271 -9.95 -10.38 -18.83
N THR A 272 -10.87 -9.53 -18.42
CA THR A 272 -12.13 -10.04 -17.94
C THR A 272 -13.19 -9.90 -19.03
N PRO A 273 -13.93 -11.00 -19.25
CA PRO A 273 -14.95 -11.17 -20.28
C PRO A 273 -16.07 -10.14 -20.12
N ARG A 274 -16.38 -9.43 -21.20
CA ARG A 274 -17.42 -8.42 -21.19
C ARG A 274 -18.44 -8.71 -22.27
N ILE A 275 -17.94 -9.12 -23.44
CA ILE A 275 -18.78 -9.39 -24.60
C ILE A 275 -18.30 -10.65 -25.31
N TRP A 276 -19.25 -11.42 -25.85
CA TRP A 276 -18.94 -12.68 -26.51
C TRP A 276 -18.99 -12.55 -28.04
N CYS A 277 -18.43 -13.53 -28.74
CA CYS A 277 -18.54 -13.63 -30.19
C CYS A 277 -18.96 -15.02 -30.59
N SER A 278 -20.14 -15.13 -31.21
CA SER A 278 -20.70 -16.43 -31.56
C SER A 278 -19.95 -17.09 -32.73
N ALA A 279 -18.98 -16.38 -33.30
CA ALA A 279 -18.24 -16.89 -34.45
C ALA A 279 -16.72 -16.77 -34.27
N PRO A 280 -16.18 -17.44 -33.24
CA PRO A 280 -14.77 -17.35 -32.84
C PRO A 280 -13.81 -17.60 -34.00
N GLN A 281 -13.08 -16.58 -34.42
CA GLN A 281 -12.18 -16.68 -35.56
C GLN A 281 -10.74 -17.02 -35.19
N LYS A 282 -10.16 -16.20 -34.32
CA LYS A 282 -8.78 -16.40 -33.89
C LYS A 282 -8.86 -16.70 -32.38
N VAL A 283 -8.45 -17.89 -31.98
CA VAL A 283 -8.68 -18.31 -30.59
C VAL A 283 -7.40 -18.38 -29.77
N ALA A 284 -7.46 -17.81 -28.56
CA ALA A 284 -6.39 -17.94 -27.58
C ALA A 284 -6.88 -18.84 -26.44
N ARG A 285 -5.99 -19.63 -25.86
CA ARG A 285 -6.35 -20.54 -24.77
C ARG A 285 -5.65 -20.18 -23.46
N PRO A 286 -6.10 -20.79 -22.34
CA PRO A 286 -5.44 -20.55 -21.07
C PRO A 286 -3.94 -20.80 -21.19
N GLY A 287 -3.15 -19.82 -20.78
CA GLY A 287 -1.71 -19.88 -20.94
C GLY A 287 -1.26 -18.81 -21.89
N ASP A 288 -1.70 -18.88 -23.13
CA ASP A 288 -1.23 -17.97 -24.17
C ASP A 288 -1.08 -16.55 -23.70
N VAL A 289 -0.02 -15.91 -24.19
CA VAL A 289 0.25 -14.52 -23.89
C VAL A 289 -0.46 -13.67 -24.92
N LEU A 290 -1.09 -12.60 -24.48
CA LEU A 290 -1.77 -11.69 -25.40
C LEU A 290 -0.91 -10.45 -25.51
N ILE A 291 -0.82 -9.88 -26.71
CA ILE A 291 0.01 -8.70 -26.90
C ILE A 291 -0.70 -7.71 -27.81
N SER A 292 -0.57 -6.42 -27.51
CA SER A 292 -1.24 -5.39 -28.29
C SER A 292 -0.45 -5.12 -29.55
N VAL A 293 -1.09 -5.18 -30.69
CA VAL A 293 -0.39 -4.97 -31.96
C VAL A 293 -0.86 -3.70 -32.65
N ARG A 294 -1.64 -2.88 -31.92
CA ARG A 294 -2.30 -1.72 -32.51
C ARG A 294 -1.84 -0.29 -32.23
N ALA A 295 -2.41 0.28 -31.16
CA ALA A 295 -2.22 1.68 -30.83
C ALA A 295 -1.12 1.83 -29.79
N PRO A 296 -1.33 1.27 -28.61
CA PRO A 296 -0.30 1.24 -27.58
C PRO A 296 0.43 -0.09 -27.69
N VAL A 297 1.42 -0.15 -28.57
CA VAL A 297 1.96 -1.43 -29.01
C VAL A 297 2.90 -2.05 -27.98
N GLY A 298 2.79 -3.35 -27.76
CA GLY A 298 3.72 -4.07 -26.91
C GLY A 298 3.16 -4.48 -25.56
N SER A 299 2.12 -3.79 -25.10
CA SER A 299 1.49 -4.14 -23.82
C SER A 299 0.97 -5.57 -23.85
N THR A 300 0.92 -6.18 -22.66
CA THR A 300 0.74 -7.62 -22.52
C THR A 300 -0.28 -8.06 -21.46
N ASN A 301 -0.94 -9.19 -21.72
CA ASN A 301 -1.75 -9.90 -20.74
C ASN A 301 -1.61 -11.41 -20.94
N VAL A 302 -2.16 -12.19 -20.04
CA VAL A 302 -2.24 -13.64 -20.23
C VAL A 302 -3.69 -14.09 -20.27
N ALA A 303 -4.01 -15.00 -21.18
CA ALA A 303 -5.35 -15.54 -21.26
C ALA A 303 -5.61 -16.52 -20.14
N ASN A 304 -6.73 -16.39 -19.44
CA ASN A 304 -7.10 -17.41 -18.45
C ASN A 304 -8.30 -18.25 -18.87
N LEU A 305 -8.86 -17.96 -20.04
CA LEU A 305 -9.99 -18.71 -20.57
C LEU A 305 -9.89 -18.82 -22.08
N ALA A 306 -10.46 -19.88 -22.66
CA ALA A 306 -10.62 -19.91 -24.10
C ALA A 306 -11.36 -18.61 -24.49
N CYS A 307 -10.84 -17.91 -25.48
CA CYS A 307 -11.42 -16.64 -25.87
C CYS A 307 -11.05 -16.40 -27.32
N CYS A 308 -11.45 -15.25 -27.87
CA CYS A 308 -11.03 -14.87 -29.22
C CYS A 308 -10.67 -13.39 -29.28
N ILE A 309 -9.77 -13.05 -30.21
CA ILE A 309 -9.13 -11.76 -30.25
C ILE A 309 -9.31 -11.05 -31.58
N GLY A 310 -9.39 -9.74 -31.53
CA GLY A 310 -9.59 -8.93 -32.73
C GLY A 310 -8.36 -8.21 -33.23
N ARG A 311 -8.59 -7.34 -34.21
CA ARG A 311 -7.57 -6.51 -34.85
C ARG A 311 -6.41 -6.10 -33.97
N GLY A 312 -6.69 -5.82 -32.70
CA GLY A 312 -5.75 -5.13 -31.84
C GLY A 312 -4.75 -6.03 -31.14
N LEU A 313 -5.05 -7.33 -31.13
CA LEU A 313 -4.25 -8.30 -30.38
C LEU A 313 -3.57 -9.34 -31.27
N ALA A 314 -2.45 -9.87 -30.78
CA ALA A 314 -1.95 -11.16 -31.24
C ALA A 314 -1.94 -12.08 -30.01
N ALA A 315 -2.09 -13.39 -30.22
CA ALA A 315 -1.88 -14.35 -29.14
C ALA A 315 -0.63 -15.20 -29.42
N LEU A 316 0.18 -15.42 -28.40
CA LEU A 316 1.44 -16.17 -28.53
C LEU A 316 1.33 -17.43 -27.70
N ARG A 317 1.45 -18.57 -28.35
CA ARG A 317 1.30 -19.82 -27.63
C ARG A 317 2.62 -20.54 -27.63
N PRO A 318 3.29 -20.56 -26.48
CA PRO A 318 4.63 -21.15 -26.36
C PRO A 318 4.60 -22.63 -26.73
N ARG A 319 5.62 -23.08 -27.45
CA ARG A 319 5.77 -24.50 -27.71
C ARG A 319 6.44 -25.12 -26.50
N ASP A 320 6.73 -26.41 -26.54
CA ASP A 320 7.19 -27.09 -25.33
C ASP A 320 8.53 -26.55 -24.82
N SER A 321 9.38 -26.03 -25.69
CA SER A 321 10.71 -25.61 -25.24
C SER A 321 10.73 -24.21 -24.62
N LEU A 322 9.57 -23.58 -24.50
CA LEU A 322 9.49 -22.20 -24.02
C LEU A 322 8.46 -22.08 -22.90
N GLU A 323 8.90 -21.58 -21.73
CA GLU A 323 8.03 -21.33 -20.58
C GLU A 323 7.23 -20.06 -20.80
N ARG A 324 5.94 -20.13 -20.48
CA ARG A 324 5.06 -18.98 -20.63
C ARG A 324 5.65 -17.76 -19.94
N PHE A 325 6.07 -17.96 -18.71
CA PHE A 325 6.56 -16.83 -17.92
C PHE A 325 7.93 -16.30 -18.32
N TRP A 326 8.73 -17.14 -18.98
CA TRP A 326 10.01 -16.64 -19.58
C TRP A 326 9.67 -15.65 -20.68
N LEU A 327 8.76 -16.07 -21.55
CA LEU A 327 8.25 -15.22 -22.62
C LEU A 327 7.69 -13.90 -22.08
N LEU A 328 6.84 -13.99 -21.06
CA LEU A 328 6.21 -12.81 -20.48
C LEU A 328 7.23 -11.81 -19.94
N TYR A 329 8.19 -12.28 -19.16
CA TYR A 329 9.23 -11.38 -18.67
C TYR A 329 9.99 -10.71 -19.79
N TYR A 330 10.26 -11.48 -20.85
CA TYR A 330 11.05 -10.94 -21.97
C TYR A 330 10.27 -9.83 -22.68
N LEU A 331 9.00 -10.10 -22.97
CA LEU A 331 8.15 -9.13 -23.64
C LEU A 331 7.98 -7.85 -22.82
N HIS A 332 7.90 -8.00 -21.50
CA HIS A 332 7.78 -6.85 -20.62
C HIS A 332 9.07 -6.04 -20.68
N TYR A 333 10.21 -6.71 -20.50
CA TYR A 333 11.52 -6.07 -20.64
C TYR A 333 11.69 -5.35 -21.98
N LEU A 334 11.11 -5.89 -23.04
CA LEU A 334 11.22 -5.31 -24.38
C LEU A 334 10.16 -4.24 -24.65
N GLU A 335 9.34 -3.90 -23.66
CA GLU A 335 8.19 -3.02 -23.94
C GLU A 335 8.57 -1.68 -24.62
N PRO A 336 9.61 -0.99 -24.12
CA PRO A 336 10.03 0.26 -24.76
C PRO A 336 10.37 0.10 -26.25
N GLU A 337 11.08 -0.97 -26.60
CA GLU A 337 11.38 -1.23 -28.01
C GLU A 337 10.12 -1.57 -28.79
N LEU A 338 9.31 -2.48 -28.27
CA LEU A 338 8.09 -2.89 -28.95
C LEU A 338 7.16 -1.72 -29.18
N SER A 339 7.20 -0.76 -28.27
CA SER A 339 6.31 0.41 -28.33
C SER A 339 7.05 1.38 -29.25
N LYS A 340 7.28 0.95 -30.49
CA LYS A 340 7.99 1.76 -31.47
C LYS A 340 8.79 2.93 -30.91
N ALA A 349 1.72 -0.47 -36.30
CA ALA A 349 1.21 -1.79 -35.92
C ALA A 349 2.33 -2.83 -35.85
N ILE A 350 1.95 -4.05 -35.49
CA ILE A 350 2.91 -5.14 -35.38
C ILE A 350 2.45 -6.30 -36.26
N THR A 351 3.28 -6.70 -37.21
CA THR A 351 2.95 -7.78 -38.12
C THR A 351 3.38 -9.13 -37.55
N LYS A 352 2.72 -10.19 -38.00
CA LYS A 352 3.12 -11.54 -37.65
C LYS A 352 4.62 -11.74 -37.85
N LYS A 353 5.12 -11.34 -39.02
CA LYS A 353 6.54 -11.54 -39.30
C LYS A 353 7.42 -10.84 -38.27
N ASP A 354 7.08 -9.61 -37.90
CA ASP A 354 7.77 -8.89 -36.84
C ASP A 354 7.91 -9.76 -35.60
N LEU A 355 6.79 -10.24 -35.09
CA LEU A 355 6.76 -11.05 -33.88
C LEU A 355 7.58 -12.31 -34.04
N GLN A 356 7.41 -12.98 -35.18
CA GLN A 356 8.13 -14.21 -35.42
C GLN A 356 9.64 -14.00 -35.47
N ASN A 357 10.06 -12.78 -35.84
CA ASN A 357 11.48 -12.49 -36.07
C ASN A 357 12.23 -12.00 -34.84
N VAL A 358 11.50 -11.72 -33.77
CA VAL A 358 12.09 -11.31 -32.49
C VAL A 358 13.04 -12.39 -31.99
N PHE A 359 14.31 -12.07 -31.77
CA PHE A 359 15.20 -13.03 -31.12
C PHE A 359 14.98 -13.08 -29.61
N ILE A 360 15.04 -14.27 -29.02
CA ILE A 360 14.93 -14.44 -27.57
C ILE A 360 15.97 -15.47 -27.12
N PRO A 361 16.64 -15.22 -25.99
CA PRO A 361 17.60 -16.23 -25.54
C PRO A 361 16.82 -17.36 -24.90
N LEU A 362 17.23 -18.58 -25.18
CA LEU A 362 16.43 -19.70 -24.77
C LEU A 362 17.26 -20.71 -24.00
N PRO A 363 17.16 -20.65 -22.65
CA PRO A 363 17.76 -21.67 -21.79
C PRO A 363 16.99 -22.97 -21.89
N PRO A 364 17.56 -24.06 -21.38
CA PRO A 364 16.78 -25.27 -21.17
C PRO A 364 15.62 -24.95 -20.21
N LEU A 365 14.55 -25.72 -20.28
CA LEU A 365 13.36 -25.43 -19.45
C LEU A 365 13.68 -25.27 -17.98
N GLU A 366 14.55 -26.15 -17.47
CA GLU A 366 14.86 -26.12 -16.06
C GLU A 366 15.47 -24.77 -15.66
N GLU A 367 16.29 -24.21 -16.53
CA GLU A 367 16.94 -22.94 -16.22
C GLU A 367 15.99 -21.76 -16.39
N GLN A 368 15.09 -21.85 -17.36
CA GLN A 368 14.05 -20.82 -17.47
C GLN A 368 13.25 -20.80 -16.19
N ARG A 369 12.93 -21.97 -15.66
CA ARG A 369 12.08 -22.01 -14.47
C ARG A 369 12.85 -21.49 -13.25
N ARG A 370 14.12 -21.88 -13.14
CA ARG A 370 14.99 -21.42 -12.04
C ARG A 370 15.11 -19.89 -12.00
N ILE A 371 15.31 -19.29 -13.17
CA ILE A 371 15.43 -17.85 -13.30
C ILE A 371 14.08 -17.14 -13.09
N VAL A 372 13.00 -17.72 -13.62
CA VAL A 372 11.65 -17.16 -13.39
C VAL A 372 11.32 -17.11 -11.87
N ALA A 373 11.71 -18.16 -11.15
CA ALA A 373 11.46 -18.17 -9.70
C ALA A 373 12.18 -16.98 -9.02
N TYR A 374 13.40 -16.69 -9.45
CA TYR A 374 14.14 -15.56 -8.91
C TYR A 374 13.49 -14.21 -9.24
N LEU A 375 13.15 -13.99 -10.52
CA LEU A 375 12.49 -12.76 -10.94
C LEU A 375 11.13 -12.57 -10.26
N ASP A 376 10.40 -13.66 -10.09
CA ASP A 376 9.09 -13.60 -9.44
C ASP A 376 9.23 -13.03 -8.05
N GLN A 377 10.27 -13.45 -7.32
CA GLN A 377 10.48 -12.95 -5.96
C GLN A 377 10.66 -11.42 -5.97
N ILE A 378 11.52 -10.91 -6.85
CA ILE A 378 11.75 -9.48 -6.96
C ILE A 378 10.48 -8.74 -7.41
N GLN A 379 9.81 -9.28 -8.40
CA GLN A 379 8.60 -8.64 -8.93
C GLN A 379 7.55 -8.50 -7.83
N GLN A 380 7.43 -9.52 -6.99
CA GLN A 380 6.46 -9.45 -5.91
C GLN A 380 6.86 -8.40 -4.88
N GLN A 381 8.17 -8.21 -4.72
CA GLN A 381 8.66 -7.28 -3.71
C GLN A 381 8.46 -5.85 -4.19
N VAL A 382 8.77 -5.59 -5.46
CA VAL A 382 8.52 -4.28 -6.07
C VAL A 382 7.05 -3.89 -5.95
N ALA A 383 6.17 -4.83 -6.27
CA ALA A 383 4.73 -4.60 -6.19
C ALA A 383 4.30 -4.27 -4.77
N ALA A 384 4.74 -5.07 -3.81
CA ALA A 384 4.42 -4.84 -2.41
C ALA A 384 4.91 -3.46 -1.94
N LEU A 385 6.13 -3.11 -2.31
CA LEU A 385 6.72 -1.85 -1.85
C LEU A 385 5.95 -0.65 -2.41
N LYS A 386 5.44 -0.83 -3.62
CA LYS A 386 4.68 0.20 -4.28
C LYS A 386 3.41 0.50 -3.47
N ARG A 387 2.73 -0.57 -3.07
CA ARG A 387 1.48 -0.47 -2.31
C ARG A 387 1.68 -0.10 -0.84
N ALA A 388 2.78 -0.57 -0.26
CA ALA A 388 3.05 -0.32 1.14
C ALA A 388 3.33 1.15 1.43
N GLN A 389 3.57 1.93 0.38
CA GLN A 389 3.79 3.37 0.58
C GLN A 389 2.42 4.05 0.46
N ALA A 390 1.77 4.24 1.60
CA ALA A 390 0.44 4.88 1.66
C ALA A 390 0.60 6.36 1.44
N GLU A 391 -0.48 7.03 1.00
CA GLU A 391 -0.36 8.45 0.74
C GLU A 391 -0.09 9.14 2.06
N THR A 392 0.61 10.27 1.98
CA THR A 392 1.25 10.87 3.13
C THR A 392 0.26 11.41 4.13
N GLU A 393 -0.61 12.30 3.70
CA GLU A 393 -1.53 12.92 4.64
C GLU A 393 -2.35 11.88 5.45
N ALA A 394 -2.89 10.88 4.76
CA ALA A 394 -3.67 9.83 5.46
C ALA A 394 -2.82 8.98 6.41
N GLU A 395 -1.69 8.49 5.93
CA GLU A 395 -0.89 7.65 6.81
C GLU A 395 -0.52 8.45 8.07
N LEU A 396 -0.06 9.67 7.91
CA LEU A 396 0.39 10.39 9.06
C LEU A 396 -0.80 10.67 10.01
N LYS A 397 -1.94 11.12 9.49
CA LYS A 397 -3.01 11.52 10.40
C LYS A 397 -3.62 10.33 11.15
N ARG A 398 -3.81 9.22 10.47
CA ARG A 398 -4.44 8.06 11.11
C ARG A 398 -3.48 7.26 12.02
N LEU A 399 -2.21 7.20 11.64
CA LEU A 399 -1.23 6.61 12.54
C LEU A 399 -1.04 7.49 13.76
N GLU A 400 -1.06 8.81 13.56
CA GLU A 400 -1.03 9.72 14.70
C GLU A 400 -2.15 9.36 15.68
N GLN A 401 -3.36 9.18 15.15
CA GLN A 401 -4.52 8.86 16.00
C GLN A 401 -4.32 7.56 16.79
N ALA A 402 -3.75 6.54 16.14
CA ALA A 402 -3.54 5.29 16.86
C ALA A 402 -2.53 5.48 18.00
N ILE A 403 -1.53 6.30 17.78
CA ILE A 403 -0.59 6.65 18.88
C ILE A 403 -1.27 7.43 20.03
N LEU A 404 -2.08 8.42 19.68
CA LEU A 404 -2.73 9.24 20.68
C LEU A 404 -3.68 8.39 21.52
N ASP A 405 -4.34 7.43 20.89
CA ASP A 405 -5.28 6.58 21.63
C ASP A 405 -4.57 5.81 22.73
N LYS A 406 -3.40 5.29 22.40
CA LYS A 406 -2.56 4.63 23.42
C LYS A 406 -2.09 5.62 24.50
N ALA A 407 -1.65 6.80 24.06
CA ALA A 407 -1.13 7.80 24.98
C ALA A 407 -2.17 8.18 26.02
N PHE A 408 -3.42 8.39 25.59
CA PHE A 408 -4.36 9.03 26.50
C PHE A 408 -5.18 8.04 27.30
N ARG A 409 -4.80 6.76 27.18
CA ARG A 409 -5.37 5.67 27.98
C ARG A 409 -4.30 5.25 29.01
N GLY A 410 -3.11 5.83 28.90
CA GLY A 410 -2.01 5.52 29.79
C GLY A 410 -1.21 4.31 29.37
N ASP A 411 -1.29 3.95 28.10
CA ASP A 411 -0.64 2.74 27.62
C ASP A 411 0.71 2.97 26.96
N LEU A 412 1.20 4.20 26.99
CA LEU A 412 2.57 4.46 26.50
C LEU A 412 3.56 4.53 27.64
N MET B 15 41.61 -0.83 -7.57
CA MET B 15 42.19 0.05 -6.57
C MET B 15 42.78 -0.78 -5.41
N THR B 16 43.36 -0.10 -4.44
CA THR B 16 43.78 -0.72 -3.20
C THR B 16 42.59 -0.63 -2.26
N GLU B 17 41.56 0.05 -2.74
CA GLU B 17 40.28 0.17 -2.04
C GLU B 17 39.35 -0.85 -2.66
N GLY B 18 38.73 -1.67 -1.82
CA GLY B 18 37.96 -2.80 -2.28
C GLY B 18 36.73 -2.39 -3.07
N PRO B 19 35.66 -3.18 -2.95
CA PRO B 19 34.39 -2.92 -3.64
C PRO B 19 33.87 -1.50 -3.40
N TYR B 20 34.12 -0.98 -2.20
CA TYR B 20 33.79 0.40 -1.88
C TYR B 20 34.62 0.82 -0.67
N LYS B 21 34.63 2.10 -0.37
CA LYS B 21 35.58 2.61 0.59
C LYS B 21 34.95 2.47 1.96
N LEU B 22 35.73 1.97 2.92
CA LEU B 22 35.22 1.70 4.27
C LEU B 22 35.65 2.80 5.22
N PRO B 23 34.93 2.94 6.33
CA PRO B 23 35.35 3.87 7.38
C PRO B 23 36.74 3.52 7.89
N PRO B 24 37.43 4.51 8.46
CA PRO B 24 38.77 4.22 9.00
C PRO B 24 38.69 3.06 9.96
N GLY B 25 39.70 2.20 9.94
CA GLY B 25 39.76 1.12 10.91
C GLY B 25 39.10 -0.17 10.46
N TRP B 26 38.20 -0.09 9.48
CA TRP B 26 37.64 -1.33 8.91
C TRP B 26 38.60 -1.89 7.89
N ARG B 27 38.53 -3.21 7.63
CA ARG B 27 39.29 -3.82 6.53
C ARG B 27 38.45 -4.74 5.65
N TRP B 28 38.84 -4.90 4.39
CA TRP B 28 38.22 -5.87 3.50
C TRP B 28 38.92 -7.19 3.69
N VAL B 29 38.15 -8.27 3.88
CA VAL B 29 38.72 -9.62 3.93
C VAL B 29 37.78 -10.60 3.26
N ARG B 30 38.26 -11.81 2.97
CA ARG B 30 37.36 -12.84 2.48
C ARG B 30 36.71 -13.42 3.74
N LEU B 31 35.47 -13.82 3.60
CA LEU B 31 34.71 -14.28 4.76
C LEU B 31 35.45 -15.44 5.46
N GLY B 32 35.95 -16.38 4.66
CA GLY B 32 36.66 -17.51 5.21
C GLY B 32 37.83 -17.17 6.13
N GLU B 33 38.43 -16.01 5.93
CA GLU B 33 39.56 -15.60 6.75
C GLU B 33 39.14 -15.39 8.18
N VAL B 34 37.86 -15.15 8.41
CA VAL B 34 37.36 -14.94 9.78
C VAL B 34 36.42 -16.05 10.24
N CYS B 35 36.52 -17.19 9.57
CA CYS B 35 35.76 -18.37 9.93
C CYS B 35 36.67 -19.47 10.47
N LEU B 36 36.09 -20.38 11.22
CA LEU B 36 36.81 -21.51 11.77
C LEU B 36 36.41 -22.81 11.06
N PRO B 37 37.24 -23.84 11.18
CA PRO B 37 36.91 -25.16 10.64
C PRO B 37 35.64 -25.72 11.29
N THR B 38 34.91 -26.53 10.56
CA THR B 38 33.67 -27.15 11.01
C THR B 38 33.75 -28.65 10.73
N GLU B 39 32.85 -29.41 11.32
CA GLU B 39 32.93 -30.86 11.27
C GLU B 39 31.61 -31.49 10.91
N ARG B 40 31.65 -32.77 10.56
CA ARG B 40 30.46 -33.52 10.20
C ARG B 40 30.30 -34.68 11.17
N ARG B 41 29.09 -35.20 11.26
CA ARG B 41 28.78 -36.36 12.10
C ARG B 41 27.66 -37.11 11.44
N ASP B 42 27.72 -38.45 11.49
CA ASP B 42 26.66 -39.28 10.97
C ASP B 42 25.81 -39.76 12.14
N PRO B 43 24.61 -39.18 12.30
CA PRO B 43 23.80 -39.56 13.46
C PRO B 43 23.34 -41.01 13.41
N THR B 44 23.33 -41.65 12.24
CA THR B 44 22.87 -43.04 12.17
C THR B 44 23.79 -43.97 12.95
N LYS B 45 24.95 -43.46 13.36
CA LYS B 45 25.90 -44.25 14.12
C LYS B 45 25.48 -44.32 15.57
N ASN B 46 24.52 -43.48 15.97
CA ASN B 46 23.92 -43.56 17.29
C ASN B 46 22.43 -43.65 17.07
N PRO B 47 21.98 -44.82 16.62
CA PRO B 47 20.65 -45.08 16.09
C PRO B 47 19.56 -44.78 17.12
N SER B 48 19.87 -44.93 18.40
CA SER B 48 18.84 -44.75 19.43
C SER B 48 18.89 -43.37 20.05
N THR B 49 19.75 -42.51 19.52
CA THR B 49 19.93 -41.19 20.13
C THR B 49 19.23 -40.16 19.29
N TYR B 50 18.40 -39.34 19.93
CA TYR B 50 17.72 -38.27 19.23
C TYR B 50 18.70 -37.14 18.92
N PHE B 51 18.48 -36.45 17.80
CA PHE B 51 19.21 -35.22 17.53
C PHE B 51 18.23 -34.23 16.93
N VAL B 52 18.55 -32.95 17.01
CA VAL B 52 17.67 -31.97 16.40
C VAL B 52 18.22 -31.61 15.03
N TYR B 53 17.35 -31.65 14.01
CA TYR B 53 17.78 -31.47 12.63
C TYR B 53 17.26 -30.15 12.08
N VAL B 54 18.17 -29.37 11.52
CA VAL B 54 17.78 -28.10 10.91
C VAL B 54 17.93 -28.20 9.39
N ASP B 55 16.82 -28.26 8.67
CA ASP B 55 16.87 -28.24 7.21
C ASP B 55 16.36 -26.91 6.73
N ILE B 56 16.23 -26.72 5.42
CA ILE B 56 15.83 -25.38 4.92
C ILE B 56 14.43 -25.00 5.35
N SER B 57 13.54 -25.99 5.38
CA SER B 57 12.15 -25.79 5.82
C SER B 57 12.07 -25.23 7.23
N ALA B 58 13.10 -25.48 8.03
CA ALA B 58 13.11 -25.05 9.41
C ALA B 58 13.30 -23.54 9.57
N ILE B 59 13.74 -22.88 8.50
CA ILE B 59 14.07 -21.46 8.59
C ILE B 59 12.92 -20.58 8.14
N ASP B 60 12.69 -19.50 8.88
CA ASP B 60 11.82 -18.43 8.41
C ASP B 60 12.72 -17.42 7.70
N SER B 61 12.63 -17.39 6.38
CA SER B 61 13.60 -16.63 5.59
C SER B 61 13.33 -15.15 5.72
N THR B 62 12.13 -14.78 6.16
CA THR B 62 11.84 -13.35 6.28
C THR B 62 12.69 -12.68 7.31
N VAL B 63 12.92 -13.33 8.44
CA VAL B 63 13.70 -12.71 9.48
C VAL B 63 15.01 -13.46 9.72
N GLY B 64 15.17 -14.59 9.04
CA GLY B 64 16.39 -15.36 9.16
C GLY B 64 16.46 -16.06 10.51
N LYS B 65 15.45 -16.86 10.83
CA LYS B 65 15.41 -17.51 12.13
C LYS B 65 15.07 -19.01 12.02
N ILE B 66 15.73 -19.81 12.85
CA ILE B 66 15.41 -21.24 12.90
C ILE B 66 14.14 -21.39 13.75
N VAL B 67 13.03 -21.68 13.11
CA VAL B 67 11.76 -21.72 13.85
C VAL B 67 11.09 -23.10 13.91
N SER B 68 11.41 -24.00 12.98
CA SER B 68 10.73 -25.31 12.99
C SER B 68 11.65 -26.50 12.72
N PRO B 69 12.71 -26.63 13.51
CA PRO B 69 13.59 -27.78 13.38
C PRO B 69 12.85 -29.00 13.94
N LYS B 70 13.32 -30.19 13.58
CA LYS B 70 12.62 -31.40 13.97
C LYS B 70 13.55 -32.32 14.75
N GLU B 71 13.06 -32.92 15.83
CA GLU B 71 13.86 -33.87 16.59
C GLU B 71 13.65 -35.25 15.97
N ILE B 72 14.76 -35.89 15.61
CA ILE B 72 14.73 -37.11 14.83
C ILE B 72 15.60 -38.17 15.50
N LEU B 73 15.17 -39.42 15.42
CA LEU B 73 15.94 -40.53 15.96
C LEU B 73 17.11 -40.81 15.02
N GLY B 74 18.30 -41.05 15.59
CA GLY B 74 19.49 -41.24 14.78
C GLY B 74 19.27 -42.22 13.65
N GLN B 75 18.59 -43.32 13.95
CA GLN B 75 18.35 -44.35 12.97
C GLN B 75 17.68 -43.79 11.71
N HIS B 76 16.90 -42.73 11.87
CA HIS B 76 16.17 -42.18 10.73
C HIS B 76 16.74 -40.89 10.17
N ALA B 77 17.98 -40.58 10.55
CA ALA B 77 18.64 -39.39 10.03
C ALA B 77 18.64 -39.39 8.50
N PRO B 78 18.17 -38.30 7.89
CA PRO B 78 18.22 -38.10 6.45
C PRO B 78 19.66 -38.07 5.95
N SER B 79 19.86 -38.41 4.68
CA SER B 79 21.19 -38.50 4.16
C SER B 79 21.94 -37.17 4.24
N ARG B 80 21.22 -36.04 4.14
CA ARG B 80 21.86 -34.72 4.22
C ARG B 80 22.15 -34.25 5.64
N ALA B 81 21.61 -34.96 6.63
CA ALA B 81 21.80 -34.55 8.02
C ALA B 81 23.20 -34.92 8.52
N ARG B 82 24.19 -34.07 8.22
CA ARG B 82 25.58 -34.44 8.53
C ARG B 82 26.46 -33.34 9.08
N LYS B 83 26.02 -32.08 9.00
CA LYS B 83 26.91 -31.00 9.45
C LYS B 83 26.62 -30.65 10.89
N VAL B 84 27.65 -30.70 11.73
CA VAL B 84 27.45 -30.34 13.13
C VAL B 84 27.39 -28.83 13.31
N ILE B 85 26.35 -28.34 13.98
CA ILE B 85 26.28 -26.90 14.25
C ILE B 85 26.59 -26.58 15.69
N ARG B 86 27.08 -25.37 15.90
CA ARG B 86 27.41 -24.88 17.24
C ARG B 86 26.74 -23.54 17.48
N SER B 87 26.49 -23.24 18.76
CA SER B 87 25.96 -21.94 19.13
C SER B 87 26.74 -20.79 18.46
N GLY B 88 26.02 -19.85 17.86
CA GLY B 88 26.64 -18.71 17.20
C GLY B 88 27.03 -18.94 15.74
N ASP B 89 26.93 -20.18 15.25
CA ASP B 89 27.18 -20.43 13.82
C ASP B 89 26.13 -19.70 12.99
N VAL B 90 26.53 -19.25 11.80
CA VAL B 90 25.60 -18.79 10.80
C VAL B 90 25.42 -19.89 9.76
N ILE B 91 24.18 -20.28 9.47
CA ILE B 91 23.96 -21.27 8.44
C ILE B 91 23.35 -20.58 7.22
N PHE B 92 23.91 -20.87 6.05
CA PHE B 92 23.64 -20.07 4.85
C PHE B 92 23.35 -21.06 3.74
N ALA B 93 22.08 -21.15 3.31
CA ALA B 93 21.69 -22.16 2.34
C ALA B 93 22.43 -21.84 1.04
N THR B 94 23.07 -22.82 0.45
CA THR B 94 23.79 -22.58 -0.81
C THR B 94 22.84 -22.74 -2.02
N THR B 95 21.71 -23.41 -1.81
CA THR B 95 20.65 -23.46 -2.81
C THR B 95 19.78 -22.20 -2.75
N ARG B 96 19.43 -21.63 -3.90
CA ARG B 96 18.63 -20.41 -3.95
C ARG B 96 19.03 -19.38 -2.88
N PRO B 97 20.26 -18.89 -2.97
CA PRO B 97 20.77 -18.00 -1.92
C PRO B 97 19.91 -16.75 -1.78
N TYR B 98 19.22 -16.38 -2.85
CA TYR B 98 18.44 -15.14 -2.87
C TYR B 98 17.26 -15.20 -1.94
N LEU B 99 16.81 -16.41 -1.61
CA LEU B 99 15.69 -16.57 -0.68
C LEU B 99 16.02 -16.17 0.76
N LYS B 100 17.32 -16.11 1.10
CA LYS B 100 17.76 -15.72 2.45
C LYS B 100 17.39 -16.74 3.54
N ASN B 101 17.46 -18.03 3.20
CA ASN B 101 17.44 -19.07 4.21
C ASN B 101 18.79 -19.05 4.93
N ILE B 102 18.93 -18.05 5.78
CA ILE B 102 20.18 -17.78 6.47
C ILE B 102 19.80 -17.47 7.92
N ALA B 103 20.45 -18.12 8.87
CA ALA B 103 20.00 -18.02 10.26
C ALA B 103 21.14 -18.16 11.24
N LEU B 104 20.94 -17.64 12.45
CA LEU B 104 21.97 -17.73 13.48
C LEU B 104 21.56 -18.86 14.43
N VAL B 105 22.49 -19.75 14.73
CA VAL B 105 22.17 -20.92 15.54
C VAL B 105 22.14 -20.53 17.04
N PRO B 106 21.02 -20.76 17.70
CA PRO B 106 20.87 -20.40 19.12
C PRO B 106 21.63 -21.35 20.05
N PRO B 107 21.83 -20.94 21.30
CA PRO B 107 22.52 -21.77 22.28
C PRO B 107 21.88 -23.15 22.43
N ASP B 108 20.55 -23.26 22.39
CA ASP B 108 19.94 -24.58 22.61
C ASP B 108 20.11 -25.58 21.47
N LEU B 109 20.60 -25.12 20.32
CA LEU B 109 20.87 -26.03 19.20
C LEU B 109 22.36 -26.40 19.12
N ASP B 110 23.13 -26.09 20.16
CA ASP B 110 24.56 -26.39 20.12
C ASP B 110 24.80 -27.91 19.99
N GLY B 111 25.68 -28.28 19.07
CA GLY B 111 25.99 -29.68 18.85
C GLY B 111 24.91 -30.47 18.13
N GLN B 112 23.90 -29.80 17.58
CA GLN B 112 22.90 -30.50 16.79
C GLN B 112 23.34 -30.52 15.32
N ILE B 113 22.41 -30.77 14.40
CA ILE B 113 22.78 -31.09 13.04
C ILE B 113 22.00 -30.22 12.05
N CYS B 114 22.66 -29.77 10.99
CA CYS B 114 21.95 -29.12 9.90
C CYS B 114 22.29 -29.81 8.57
N SER B 115 21.45 -29.54 7.56
CA SER B 115 21.58 -30.11 6.23
C SER B 115 22.92 -29.72 5.62
N THR B 116 23.50 -30.63 4.85
CA THR B 116 24.69 -30.31 4.06
C THR B 116 24.38 -29.20 3.04
N GLY B 117 23.09 -28.93 2.81
CA GLY B 117 22.68 -27.80 1.98
C GLY B 117 23.03 -26.41 2.55
N PHE B 118 23.48 -26.35 3.81
CA PHE B 118 23.95 -25.07 4.37
C PHE B 118 25.45 -25.01 4.42
N CYS B 119 26.00 -23.86 4.05
CA CYS B 119 27.37 -23.52 4.39
C CYS B 119 27.39 -23.09 5.86
N VAL B 120 28.26 -23.68 6.67
CA VAL B 120 28.31 -23.35 8.11
C VAL B 120 29.42 -22.34 8.34
N ILE B 121 29.03 -21.16 8.76
CA ILE B 121 29.92 -20.03 8.90
C ILE B 121 30.14 -19.78 10.38
N ARG B 122 31.27 -20.26 10.89
CA ARG B 122 31.55 -20.23 12.33
C ARG B 122 32.56 -19.12 12.63
N ALA B 123 32.10 -18.04 13.25
CA ALA B 123 33.01 -16.91 13.48
C ALA B 123 34.24 -17.26 14.32
N ASN B 124 35.41 -16.87 13.86
CA ASN B 124 36.59 -16.76 14.71
C ASN B 124 36.42 -15.47 15.52
N ARG B 125 36.08 -15.63 16.79
CA ARG B 125 35.71 -14.50 17.65
C ARG B 125 36.82 -13.51 17.88
N GLU B 126 38.03 -13.89 17.53
CA GLU B 126 39.11 -12.93 17.64
C GLU B 126 38.93 -11.83 16.59
N PHE B 127 38.16 -12.12 15.54
CA PHE B 127 38.02 -11.17 14.43
C PHE B 127 36.57 -10.77 14.14
N ALA B 128 35.63 -11.65 14.45
CA ALA B 128 34.26 -11.45 14.00
C ALA B 128 33.24 -11.86 15.03
N GLU B 129 32.19 -11.09 15.16
CA GLU B 129 31.07 -11.45 16.02
C GLU B 129 30.03 -12.23 15.23
N PRO B 130 29.54 -13.36 15.77
CA PRO B 130 28.52 -14.15 15.08
C PRO B 130 27.35 -13.30 14.60
N GLU B 131 26.80 -12.42 15.43
CA GLU B 131 25.61 -11.67 15.03
C GLU B 131 25.92 -10.73 13.88
N PHE B 132 27.16 -10.25 13.82
CA PHE B 132 27.55 -9.36 12.72
C PHE B 132 27.69 -10.15 11.43
N LEU B 133 28.34 -11.31 11.46
CA LEU B 133 28.34 -12.21 10.28
C LEU B 133 26.91 -12.61 9.85
N PHE B 134 26.04 -12.88 10.82
CA PHE B 134 24.64 -13.21 10.51
C PHE B 134 24.01 -12.11 9.68
N HIS B 135 24.03 -10.87 10.18
CA HIS B 135 23.34 -9.80 9.43
C HIS B 135 24.00 -9.49 8.09
N LEU B 136 25.33 -9.54 8.09
CA LEU B 136 26.10 -9.33 6.88
C LEU B 136 25.78 -10.36 5.81
N CYS B 137 25.72 -11.63 6.22
CA CYS B 137 25.44 -12.67 5.25
C CYS B 137 24.06 -12.58 4.68
N ARG B 138 23.16 -11.88 5.38
CA ARG B 138 21.82 -11.67 4.82
C ARG B 138 21.75 -10.56 3.76
N SER B 139 22.82 -9.79 3.60
CA SER B 139 22.78 -8.67 2.66
C SER B 139 22.87 -9.18 1.22
N ASP B 140 22.16 -8.53 0.31
CA ASP B 140 22.41 -8.73 -1.13
C ASP B 140 23.90 -8.57 -1.50
N PHE B 141 24.64 -7.77 -0.74
CA PHE B 141 26.04 -7.54 -1.07
C PHE B 141 26.77 -8.90 -1.14
N ILE B 142 26.42 -9.80 -0.22
CA ILE B 142 27.03 -11.13 -0.19
C ILE B 142 26.45 -12.06 -1.26
N THR B 143 25.14 -12.16 -1.33
CA THR B 143 24.53 -13.07 -2.31
C THR B 143 24.85 -12.71 -3.76
N ASN B 144 24.94 -11.41 -4.05
CA ASN B 144 25.28 -10.96 -5.39
C ASN B 144 26.68 -11.38 -5.83
N GLN B 145 27.50 -11.85 -4.90
CA GLN B 145 28.89 -12.25 -5.25
C GLN B 145 28.98 -13.71 -5.70
N LEU B 146 27.88 -14.44 -5.53
CA LEU B 146 27.87 -15.88 -5.78
C LEU B 146 27.49 -16.15 -7.23
N THR B 147 28.52 -16.29 -8.05
CA THR B 147 28.36 -16.37 -9.49
C THR B 147 27.55 -17.56 -9.97
N ALA B 148 27.69 -18.69 -9.28
CA ALA B 148 26.99 -19.90 -9.69
C ALA B 148 25.48 -19.77 -9.60
N SER B 149 25.00 -18.74 -8.90
CA SER B 149 23.55 -18.55 -8.83
C SER B 149 23.03 -17.70 -9.98
N LYS B 150 23.95 -17.14 -10.79
CA LYS B 150 23.53 -16.43 -11.98
C LYS B 150 23.22 -17.42 -13.13
N MET B 151 22.92 -16.89 -14.29
CA MET B 151 22.58 -17.74 -15.43
C MET B 151 23.60 -18.87 -15.61
N ARG B 152 23.13 -20.10 -15.75
CA ARG B 152 24.02 -21.25 -15.86
C ARG B 152 23.97 -21.89 -17.23
N GLY B 153 25.10 -22.44 -17.66
CA GLY B 153 25.15 -23.25 -18.87
C GLY B 153 25.25 -24.70 -18.48
N THR B 154 25.44 -25.55 -19.49
CA THR B 154 25.54 -26.98 -19.27
C THR B 154 26.60 -27.37 -18.24
N SER B 155 26.17 -28.14 -17.25
CA SER B 155 27.07 -28.73 -16.27
C SER B 155 27.68 -27.74 -15.29
N TYR B 156 27.24 -26.48 -15.26
CA TYR B 156 27.77 -25.55 -14.26
C TYR B 156 27.43 -26.05 -12.85
N PRO B 157 28.42 -26.15 -11.95
CA PRO B 157 28.03 -26.49 -10.57
C PRO B 157 27.16 -25.42 -9.89
N ALA B 158 26.32 -25.88 -8.96
CA ALA B 158 25.59 -24.96 -8.08
C ALA B 158 26.56 -24.27 -7.11
N VAL B 159 26.09 -23.29 -6.34
CA VAL B 159 26.96 -22.62 -5.36
C VAL B 159 27.56 -23.65 -4.39
N THR B 160 28.83 -23.49 -4.05
CA THR B 160 29.53 -24.36 -3.10
C THR B 160 29.79 -23.60 -1.79
N ASP B 161 30.10 -24.33 -0.73
CA ASP B 161 30.53 -23.69 0.51
C ASP B 161 31.76 -22.82 0.26
N ASN B 162 32.71 -23.32 -0.53
CA ASN B 162 33.90 -22.51 -0.82
C ASN B 162 33.59 -21.16 -1.51
N ASP B 163 32.61 -21.16 -2.41
CA ASP B 163 32.18 -19.92 -3.03
C ASP B 163 31.75 -18.92 -1.95
N VAL B 164 31.03 -19.38 -0.94
CA VAL B 164 30.59 -18.47 0.11
C VAL B 164 31.79 -17.97 0.92
N TYR B 165 32.66 -18.88 1.32
CA TYR B 165 33.82 -18.50 2.10
C TYR B 165 34.71 -17.51 1.32
N ASN B 166 34.60 -17.52 0.00
CA ASN B 166 35.44 -16.65 -0.84
C ASN B 166 34.91 -15.24 -1.03
N THR B 167 33.68 -14.98 -0.61
CA THR B 167 33.12 -13.65 -0.81
C THR B 167 33.90 -12.61 0.01
N LEU B 168 33.92 -11.36 -0.46
CA LEU B 168 34.62 -10.31 0.26
C LEU B 168 33.65 -9.65 1.25
N ILE B 169 34.13 -9.32 2.45
CA ILE B 169 33.30 -8.69 3.48
C ILE B 169 34.03 -7.51 4.10
N PRO B 170 33.26 -6.47 4.48
CA PRO B 170 33.75 -5.31 5.21
C PRO B 170 33.83 -5.69 6.68
N LEU B 171 34.98 -5.49 7.32
CA LEU B 171 35.14 -5.96 8.69
C LEU B 171 35.54 -4.82 9.61
N PRO B 172 34.58 -4.26 10.34
CA PRO B 172 34.86 -3.26 11.38
C PRO B 172 35.57 -3.92 12.56
N PRO B 173 36.13 -3.12 13.47
CA PRO B 173 36.59 -3.68 14.74
C PRO B 173 35.42 -4.35 15.48
N LEU B 174 35.72 -5.29 16.36
CA LEU B 174 34.66 -6.00 17.08
C LEU B 174 33.70 -5.07 17.78
N GLU B 175 34.20 -4.02 18.43
CA GLU B 175 33.28 -3.18 19.19
C GLU B 175 32.25 -2.53 18.27
N GLU B 176 32.70 -2.11 17.09
CA GLU B 176 31.78 -1.45 16.15
C GLU B 176 30.82 -2.47 15.52
N GLN B 177 31.30 -3.70 15.32
CA GLN B 177 30.41 -4.79 14.88
C GLN B 177 29.21 -4.95 15.82
N ARG B 178 29.48 -4.91 17.12
CA ARG B 178 28.41 -5.11 18.09
C ARG B 178 27.46 -3.90 18.09
N ARG B 179 28.01 -2.71 17.91
CA ARG B 179 27.16 -1.52 17.83
C ARG B 179 26.26 -1.59 16.58
N ILE B 180 26.83 -1.98 15.44
CA ILE B 180 26.04 -2.07 14.22
C ILE B 180 24.92 -3.11 14.40
N VAL B 181 25.26 -4.25 14.98
CA VAL B 181 24.25 -5.26 15.22
C VAL B 181 23.09 -4.68 16.04
N ALA B 182 23.42 -3.92 17.09
CA ALA B 182 22.35 -3.35 17.93
C ALA B 182 21.45 -2.41 17.10
N LYS B 183 22.07 -1.58 16.27
CA LYS B 183 21.33 -0.58 15.48
C LYS B 183 20.42 -1.25 14.47
N VAL B 184 20.95 -2.25 13.78
CA VAL B 184 20.18 -2.96 12.76
C VAL B 184 18.97 -3.64 13.40
N GLU B 185 19.20 -4.31 14.52
CA GLU B 185 18.09 -4.98 15.17
C GLU B 185 17.02 -4.02 15.71
N ALA B 186 17.44 -2.89 16.26
CA ALA B 186 16.48 -1.88 16.70
C ALA B 186 15.67 -1.30 15.52
N LEU B 187 16.34 -1.01 14.41
CA LEU B 187 15.69 -0.43 13.24
C LEU B 187 14.69 -1.40 12.65
N MET B 188 15.01 -2.69 12.65
CA MET B 188 14.06 -3.70 12.17
C MET B 188 12.83 -3.79 13.08
N GLU B 189 13.05 -3.71 14.39
CA GLU B 189 11.90 -3.78 15.32
C GLU B 189 11.00 -2.54 15.11
N ARG B 190 11.60 -1.39 14.81
CA ARG B 190 10.81 -0.19 14.51
C ARG B 190 9.92 -0.42 13.30
N VAL B 191 10.47 -1.08 12.28
CA VAL B 191 9.67 -1.42 11.12
C VAL B 191 8.44 -2.23 11.51
N ARG B 192 8.62 -3.28 12.32
CA ARG B 192 7.50 -4.13 12.73
C ARG B 192 6.48 -3.36 13.57
N GLU B 193 6.99 -2.52 14.46
CA GLU B 193 6.14 -1.65 15.28
C GLU B 193 5.22 -0.80 14.43
N VAL B 194 5.80 -0.18 13.42
CA VAL B 194 5.06 0.71 12.56
C VAL B 194 4.04 -0.08 11.77
N ARG B 195 4.42 -1.26 11.27
CA ARG B 195 3.41 -2.12 10.59
C ARG B 195 2.21 -2.44 11.46
N ARG B 196 2.49 -2.82 12.70
CA ARG B 196 1.46 -3.10 13.69
C ARG B 196 0.59 -1.87 13.92
N LEU B 197 1.23 -0.72 14.01
CA LEU B 197 0.46 0.48 14.29
C LEU B 197 -0.47 0.74 13.12
N ARG B 198 0.03 0.53 11.92
CA ARG B 198 -0.80 0.80 10.73
C ARG B 198 -1.99 -0.15 10.69
N ALA B 199 -1.79 -1.38 11.12
CA ALA B 199 -2.90 -2.33 11.14
C ALA B 199 -4.00 -1.85 12.10
N GLU B 200 -3.56 -1.31 13.23
CA GLU B 200 -4.50 -0.78 14.20
C GLU B 200 -5.23 0.43 13.61
N ALA B 201 -4.50 1.29 12.90
CA ALA B 201 -5.15 2.50 12.38
C ALA B 201 -6.21 2.14 11.34
N GLN B 202 -5.87 1.17 10.49
CA GLN B 202 -6.80 0.67 9.46
C GLN B 202 -8.14 0.24 10.08
N LYS B 203 -8.08 -0.54 11.15
CA LYS B 203 -9.27 -0.98 11.86
C LYS B 203 -10.05 0.18 12.48
N ASP B 204 -9.32 1.12 13.08
CA ASP B 204 -9.95 2.23 13.79
C ASP B 204 -10.56 3.20 12.79
N THR B 205 -9.93 3.32 11.64
CA THR B 205 -10.39 4.26 10.64
C THR B 205 -11.63 3.69 9.95
N GLU B 206 -11.59 2.39 9.63
CA GLU B 206 -12.77 1.70 9.12
C GLU B 206 -13.95 1.85 10.08
N LEU B 207 -13.67 1.76 11.37
CA LEU B 207 -14.72 1.90 12.36
C LEU B 207 -15.29 3.31 12.34
N LEU B 208 -14.43 4.30 12.21
CA LEU B 208 -14.85 5.70 12.15
C LEU B 208 -15.84 5.91 10.99
N MET B 209 -15.53 5.30 9.86
CA MET B 209 -16.34 5.46 8.65
C MET B 209 -17.72 4.87 8.85
N GLN B 210 -17.76 3.64 9.33
CA GLN B 210 -19.02 2.94 9.58
C GLN B 210 -19.86 3.70 10.61
N THR B 211 -19.20 4.19 11.64
CA THR B 211 -19.87 4.93 12.69
C THR B 211 -20.48 6.21 12.14
N ALA B 212 -19.74 6.91 11.29
CA ALA B 212 -20.24 8.16 10.71
C ALA B 212 -21.44 7.90 9.78
N LEU B 213 -21.35 6.86 8.95
CA LEU B 213 -22.43 6.56 8.02
C LEU B 213 -23.70 6.21 8.80
N ALA B 214 -23.55 5.37 9.82
CA ALA B 214 -24.65 4.98 10.69
C ALA B 214 -25.36 6.17 11.31
N GLU B 215 -24.61 7.20 11.68
CA GLU B 215 -25.21 8.38 12.28
C GLU B 215 -25.98 9.19 11.26
N VAL B 216 -25.39 9.46 10.12
CA VAL B 216 -26.04 10.33 9.15
C VAL B 216 -27.14 9.61 8.37
N PHE B 217 -27.11 8.27 8.36
CA PHE B 217 -28.09 7.51 7.58
C PHE B 217 -28.90 6.54 8.47
N PRO B 218 -29.70 7.10 9.38
CA PRO B 218 -30.52 6.25 10.24
C PRO B 218 -31.64 5.58 9.43
N HIS B 219 -32.41 4.72 10.08
CA HIS B 219 -33.48 3.98 9.43
C HIS B 219 -34.66 4.90 9.12
N PRO B 220 -35.39 4.64 8.01
CA PRO B 220 -36.50 5.52 7.66
C PRO B 220 -37.45 5.71 8.83
N GLY B 221 -37.84 6.96 9.08
CA GLY B 221 -38.71 7.26 10.20
C GLY B 221 -37.97 7.82 11.40
N ALA B 222 -36.68 7.49 11.53
CA ALA B 222 -35.90 7.95 12.67
C ALA B 222 -35.73 9.46 12.62
N ASP B 223 -35.43 10.04 13.79
CA ASP B 223 -35.19 11.47 13.95
C ASP B 223 -34.18 12.00 12.95
N LEU B 224 -34.51 13.14 12.36
CA LEU B 224 -33.59 13.87 11.52
C LEU B 224 -33.61 15.27 12.08
N PRO B 225 -32.48 16.00 11.99
CA PRO B 225 -32.54 17.39 12.41
C PRO B 225 -33.68 18.11 11.70
N PRO B 226 -34.27 19.12 12.36
CA PRO B 226 -35.31 19.95 11.73
C PRO B 226 -34.84 20.54 10.40
N GLY B 227 -35.70 20.45 9.39
CA GLY B 227 -35.34 20.96 8.07
C GLY B 227 -34.93 19.84 7.13
N TRP B 228 -34.48 18.71 7.70
CA TRP B 228 -34.30 17.49 6.92
C TRP B 228 -35.65 16.83 6.73
N ARG B 229 -35.85 16.19 5.58
CA ARG B 229 -37.09 15.47 5.36
C ARG B 229 -36.80 14.05 4.93
N TRP B 230 -37.62 13.11 5.37
CA TRP B 230 -37.60 11.81 4.74
C TRP B 230 -38.30 11.91 3.39
N VAL B 231 -37.64 11.49 2.31
CA VAL B 231 -38.26 11.50 0.98
C VAL B 231 -38.10 10.13 0.32
N ARG B 232 -38.91 9.86 -0.69
CA ARG B 232 -38.72 8.69 -1.53
C ARG B 232 -37.69 9.07 -2.62
N LEU B 233 -36.75 8.18 -2.90
CA LEU B 233 -35.71 8.51 -3.88
C LEU B 233 -36.35 8.99 -5.20
N GLY B 234 -37.47 8.36 -5.57
CA GLY B 234 -38.16 8.75 -6.78
C GLY B 234 -38.55 10.20 -6.84
N GLU B 235 -38.81 10.83 -5.69
CA GLU B 235 -39.19 12.25 -5.68
C GLU B 235 -38.07 13.18 -6.08
N VAL B 236 -36.83 12.77 -5.80
CA VAL B 236 -35.70 13.69 -5.91
C VAL B 236 -34.63 13.13 -6.86
N CYS B 237 -35.00 12.11 -7.64
CA CYS B 237 -34.01 11.48 -8.51
C CYS B 237 -34.75 10.84 -9.71
N ASP B 238 -34.26 11.08 -10.91
CA ASP B 238 -34.81 10.41 -12.10
C ASP B 238 -34.16 9.04 -12.27
N ILE B 239 -34.91 8.09 -12.79
CA ILE B 239 -34.43 6.71 -12.83
C ILE B 239 -34.62 6.10 -14.20
N ILE B 240 -33.53 5.65 -14.80
CA ILE B 240 -33.51 5.12 -16.16
C ILE B 240 -33.12 3.63 -16.10
N MET B 241 -34.02 2.74 -16.48
CA MET B 241 -33.66 1.32 -16.48
C MET B 241 -32.95 0.95 -17.77
N GLY B 242 -31.81 0.29 -17.66
CA GLY B 242 -31.08 -0.15 -18.84
C GLY B 242 -31.92 -1.18 -19.59
N GLN B 243 -31.64 -1.31 -20.89
CA GLN B 243 -32.41 -2.17 -21.76
C GLN B 243 -31.49 -2.79 -22.79
N SER B 244 -31.66 -4.08 -23.05
CA SER B 244 -30.84 -4.76 -24.06
C SER B 244 -31.17 -4.21 -25.44
N PRO B 245 -30.15 -3.66 -26.12
CA PRO B 245 -30.41 -3.17 -27.47
C PRO B 245 -30.69 -4.32 -28.42
N PRO B 246 -31.09 -4.02 -29.67
CA PRO B 246 -31.25 -5.11 -30.62
C PRO B 246 -29.90 -5.77 -30.87
N SER B 247 -29.82 -7.08 -30.63
CA SER B 247 -28.60 -7.84 -30.89
C SER B 247 -28.05 -7.33 -32.21
N SER B 248 -26.72 -7.35 -32.35
CA SER B 248 -26.01 -7.05 -33.59
C SER B 248 -25.88 -5.57 -33.90
N THR B 249 -26.15 -4.71 -32.92
CA THR B 249 -25.92 -3.28 -33.05
C THR B 249 -24.60 -2.85 -32.40
N TYR B 250 -23.92 -3.80 -31.77
CA TYR B 250 -22.64 -3.52 -31.14
C TYR B 250 -21.51 -3.45 -32.15
N ASN B 251 -20.55 -2.56 -31.90
CA ASN B 251 -19.39 -2.40 -32.76
C ASN B 251 -18.16 -1.99 -31.95
N PHE B 252 -16.98 -2.14 -32.53
CA PHE B 252 -15.77 -1.83 -31.78
C PHE B 252 -15.02 -0.62 -32.29
N GLU B 253 -15.75 0.28 -32.93
CA GLU B 253 -15.26 1.64 -33.11
C GLU B 253 -16.39 2.56 -32.66
N GLY B 254 -16.01 3.79 -32.33
CA GLY B 254 -16.96 4.80 -31.90
C GLY B 254 -18.03 4.95 -32.96
N ASN B 255 -19.22 4.45 -32.65
CA ASN B 255 -20.33 4.46 -33.58
C ASN B 255 -21.57 4.23 -32.74
N GLY B 256 -22.28 5.31 -32.43
CA GLY B 256 -23.22 5.31 -31.33
C GLY B 256 -22.64 5.81 -30.01
N LEU B 257 -22.80 5.02 -28.95
CA LEU B 257 -22.32 5.38 -27.63
C LEU B 257 -21.71 4.18 -26.95
N PRO B 258 -20.76 4.42 -26.01
CA PRO B 258 -20.20 3.33 -25.22
C PRO B 258 -21.30 2.57 -24.50
N PHE B 259 -21.29 1.26 -24.63
CA PHE B 259 -22.39 0.48 -24.09
C PHE B 259 -21.96 -0.38 -22.92
N PHE B 260 -22.58 -0.14 -21.76
CA PHE B 260 -22.27 -0.89 -20.56
C PHE B 260 -23.44 -1.77 -20.18
N GLN B 261 -23.23 -3.08 -20.28
CA GLN B 261 -24.33 -4.02 -20.10
C GLN B 261 -24.65 -4.31 -18.64
N GLY B 262 -23.66 -4.17 -17.77
CA GLY B 262 -23.84 -4.62 -16.40
C GLY B 262 -22.67 -4.32 -15.48
N LYS B 263 -22.72 -4.86 -14.27
CA LYS B 263 -21.70 -4.57 -13.28
C LYS B 263 -20.31 -4.93 -13.80
N ALA B 264 -20.22 -6.07 -14.47
CA ALA B 264 -18.97 -6.51 -15.06
C ALA B 264 -18.28 -5.36 -15.77
N ASP B 265 -19.06 -4.47 -16.39
CA ASP B 265 -18.49 -3.36 -17.14
C ASP B 265 -17.96 -2.23 -16.23
N PHE B 266 -18.25 -2.31 -14.93
CA PHE B 266 -17.88 -1.28 -13.95
C PHE B 266 -16.39 -1.21 -13.71
N GLY B 267 -15.86 0.01 -13.60
CA GLY B 267 -14.48 0.21 -13.19
C GLY B 267 -14.41 0.43 -11.69
N ASP B 268 -13.31 0.99 -11.21
CA ASP B 268 -13.20 1.29 -9.78
C ASP B 268 -14.17 2.42 -9.43
N LEU B 269 -14.29 3.38 -10.34
CA LEU B 269 -15.11 4.56 -10.13
C LEU B 269 -16.02 4.78 -11.33
N HIS B 270 -15.42 4.73 -12.52
CA HIS B 270 -16.14 4.90 -13.77
C HIS B 270 -15.86 3.71 -14.67
N PRO B 271 -16.77 3.42 -15.61
CA PRO B 271 -16.55 2.27 -16.49
C PRO B 271 -15.67 2.71 -17.66
N THR B 272 -14.83 1.81 -18.15
CA THR B 272 -14.03 2.13 -19.33
C THR B 272 -14.75 1.71 -20.61
N PRO B 273 -14.87 2.65 -21.56
CA PRO B 273 -15.51 2.46 -22.87
C PRO B 273 -14.81 1.36 -23.65
N ARG B 274 -15.46 0.20 -23.77
CA ARG B 274 -14.83 -0.97 -24.34
C ARG B 274 -15.63 -1.54 -25.52
N ILE B 275 -16.92 -1.18 -25.57
CA ILE B 275 -17.83 -1.66 -26.60
C ILE B 275 -18.77 -0.51 -26.95
N TRP B 276 -19.12 -0.38 -28.22
CA TRP B 276 -20.02 0.69 -28.65
C TRP B 276 -21.37 0.15 -29.15
N CYS B 277 -22.39 0.99 -29.11
CA CYS B 277 -23.72 0.64 -29.59
C CYS B 277 -24.14 1.64 -30.67
N SER B 278 -24.49 1.11 -31.83
CA SER B 278 -24.88 1.93 -32.97
C SER B 278 -26.27 2.53 -32.75
N ALA B 279 -27.16 1.73 -32.17
CA ALA B 279 -28.51 2.15 -31.86
C ALA B 279 -28.77 2.28 -30.35
N PRO B 280 -28.25 3.34 -29.72
CA PRO B 280 -28.46 3.53 -28.28
C PRO B 280 -29.96 3.64 -27.97
N GLN B 281 -30.42 2.95 -26.93
CA GLN B 281 -31.80 3.07 -26.46
C GLN B 281 -31.94 3.85 -25.13
N LYS B 282 -31.37 3.31 -24.06
CA LYS B 282 -31.39 3.98 -22.76
C LYS B 282 -30.05 4.66 -22.50
N VAL B 283 -30.08 5.98 -22.35
CA VAL B 283 -28.84 6.77 -22.32
C VAL B 283 -28.56 7.45 -20.97
N ALA B 284 -27.32 7.35 -20.50
CA ALA B 284 -26.88 8.09 -19.30
C ALA B 284 -25.88 9.19 -19.68
N ARG B 285 -25.89 10.29 -18.93
CA ARG B 285 -24.99 11.41 -19.18
C ARG B 285 -23.94 11.49 -18.06
N PRO B 286 -22.82 12.20 -18.33
CA PRO B 286 -21.80 12.32 -17.27
C PRO B 286 -22.39 12.88 -15.98
N GLY B 287 -22.17 12.18 -14.87
CA GLY B 287 -22.73 12.61 -13.59
C GLY B 287 -23.78 11.65 -13.06
N ASP B 288 -24.51 10.98 -13.95
CA ASP B 288 -25.49 9.99 -13.50
C ASP B 288 -24.78 8.93 -12.66
N VAL B 289 -25.45 8.42 -11.63
CA VAL B 289 -24.96 7.27 -10.88
C VAL B 289 -25.44 5.98 -11.53
N LEU B 290 -24.53 5.09 -11.91
CA LEU B 290 -24.93 3.81 -12.48
C LEU B 290 -25.00 2.82 -11.35
N ILE B 291 -26.04 1.99 -11.34
CA ILE B 291 -26.19 1.03 -10.28
C ILE B 291 -26.54 -0.34 -10.87
N SER B 292 -26.01 -1.39 -10.25
CA SER B 292 -26.22 -2.75 -10.73
C SER B 292 -27.57 -3.27 -10.28
N VAL B 293 -28.33 -3.76 -11.25
CA VAL B 293 -29.71 -4.15 -11.03
C VAL B 293 -29.94 -5.66 -11.18
N ARG B 294 -28.89 -6.40 -11.51
CA ARG B 294 -29.02 -7.82 -11.80
C ARG B 294 -28.34 -8.84 -10.86
N ALA B 295 -27.06 -9.11 -11.11
CA ALA B 295 -26.33 -10.10 -10.32
C ALA B 295 -26.06 -9.79 -8.89
N PRO B 296 -25.16 -8.84 -8.69
CA PRO B 296 -24.84 -8.38 -7.36
C PRO B 296 -25.88 -7.38 -6.97
N VAL B 297 -26.44 -6.68 -7.96
CA VAL B 297 -27.44 -5.64 -7.70
C VAL B 297 -27.29 -4.70 -6.52
N GLY B 298 -26.06 -4.33 -6.19
CA GLY B 298 -25.79 -3.44 -5.08
C GLY B 298 -24.53 -2.62 -5.23
N SER B 299 -23.97 -2.62 -6.43
CA SER B 299 -22.75 -1.86 -6.70
C SER B 299 -23.00 -0.68 -7.62
N THR B 300 -22.17 0.34 -7.48
CA THR B 300 -22.32 1.54 -8.28
C THR B 300 -21.02 1.95 -8.94
N ASN B 301 -21.18 2.74 -10.00
CA ASN B 301 -20.13 3.50 -10.62
C ASN B 301 -20.72 4.87 -10.84
N VAL B 302 -19.95 5.77 -11.42
CA VAL B 302 -20.46 7.06 -11.87
C VAL B 302 -20.08 7.27 -13.32
N ALA B 303 -21.06 7.62 -14.16
CA ALA B 303 -20.80 7.89 -15.56
C ALA B 303 -19.96 9.15 -15.71
N ASN B 304 -18.91 9.08 -16.53
CA ASN B 304 -18.12 10.26 -16.88
C ASN B 304 -18.20 10.56 -18.38
N LEU B 305 -18.94 9.71 -19.09
CA LEU B 305 -19.17 9.88 -20.51
C LEU B 305 -20.63 9.61 -20.87
N ALA B 306 -21.15 10.37 -21.82
CA ALA B 306 -22.41 10.02 -22.46
C ALA B 306 -22.30 8.56 -22.91
N CYS B 307 -23.22 7.72 -22.44
CA CYS B 307 -23.14 6.29 -22.72
C CYS B 307 -24.50 5.62 -22.80
N CYS B 308 -24.50 4.41 -23.32
CA CYS B 308 -25.70 3.61 -23.45
C CYS B 308 -25.65 2.54 -22.38
N ILE B 309 -26.78 2.22 -21.76
CA ILE B 309 -26.78 1.18 -20.74
C ILE B 309 -27.75 0.05 -20.99
N GLY B 310 -27.33 -1.16 -20.60
CA GLY B 310 -28.08 -2.36 -20.88
C GLY B 310 -28.82 -2.94 -19.68
N ARG B 311 -29.42 -4.10 -19.92
CA ARG B 311 -30.36 -4.72 -18.98
C ARG B 311 -29.85 -4.83 -17.54
N GLY B 312 -28.54 -4.83 -17.36
CA GLY B 312 -27.99 -5.06 -16.03
C GLY B 312 -27.85 -3.81 -15.16
N LEU B 313 -28.08 -2.65 -15.77
CA LEU B 313 -27.84 -1.39 -15.09
C LEU B 313 -29.06 -0.47 -15.06
N ALA B 314 -29.14 0.33 -14.02
CA ALA B 314 -30.01 1.50 -13.99
C ALA B 314 -29.16 2.77 -13.81
N ALA B 315 -29.58 3.87 -14.43
CA ALA B 315 -28.91 5.15 -14.22
C ALA B 315 -29.78 6.00 -13.31
N LEU B 316 -29.17 6.60 -12.30
CA LEU B 316 -29.86 7.49 -11.35
C LEU B 316 -29.39 8.91 -11.58
N ARG B 317 -30.31 9.81 -11.93
CA ARG B 317 -29.97 11.20 -12.16
C ARG B 317 -30.61 12.07 -11.09
N PRO B 318 -29.81 12.54 -10.12
CA PRO B 318 -30.34 13.32 -8.99
C PRO B 318 -31.01 14.60 -9.46
N ARG B 319 -32.11 14.95 -8.82
CA ARG B 319 -32.75 16.24 -9.11
C ARG B 319 -32.05 17.36 -8.34
N ASP B 320 -32.54 18.58 -8.50
CA ASP B 320 -31.89 19.76 -7.93
C ASP B 320 -31.61 19.64 -6.44
N SER B 321 -32.51 19.00 -5.69
CA SER B 321 -32.38 19.05 -4.23
C SER B 321 -31.51 17.91 -3.69
N LEU B 322 -30.93 17.11 -4.58
CA LEU B 322 -30.12 15.96 -4.15
C LEU B 322 -28.74 16.02 -4.78
N GLU B 323 -27.72 15.96 -3.90
CA GLU B 323 -26.32 15.90 -4.31
C GLU B 323 -25.92 14.49 -4.74
N ARG B 324 -25.25 14.38 -5.88
CA ARG B 324 -24.81 13.08 -6.37
C ARG B 324 -24.08 12.28 -5.28
N PHE B 325 -23.19 12.95 -4.56
CA PHE B 325 -22.36 12.21 -3.62
C PHE B 325 -23.07 11.84 -2.34
N TRP B 326 -24.12 12.59 -2.02
CA TRP B 326 -24.98 12.21 -0.90
C TRP B 326 -25.66 10.89 -1.26
N LEU B 327 -26.21 10.83 -2.48
CA LEU B 327 -26.83 9.61 -2.99
C LEU B 327 -25.81 8.46 -3.01
N LEU B 328 -24.63 8.76 -3.52
CA LEU B 328 -23.63 7.69 -3.64
C LEU B 328 -23.28 7.11 -2.27
N TYR B 329 -23.02 7.98 -1.29
CA TYR B 329 -22.71 7.47 0.05
C TYR B 329 -23.84 6.61 0.59
N TYR B 330 -25.07 7.03 0.34
CA TYR B 330 -26.25 6.29 0.84
C TYR B 330 -26.34 4.92 0.21
N LEU B 331 -26.12 4.84 -1.10
CA LEU B 331 -26.27 3.58 -1.81
C LEU B 331 -25.20 2.62 -1.34
N HIS B 332 -24.01 3.15 -1.09
CA HIS B 332 -22.91 2.33 -0.60
C HIS B 332 -23.22 1.78 0.78
N TYR B 333 -23.77 2.64 1.63
CA TYR B 333 -24.18 2.26 2.97
C TYR B 333 -25.26 1.17 2.97
N LEU B 334 -26.18 1.25 2.01
CA LEU B 334 -27.24 0.25 1.87
C LEU B 334 -26.80 -1.02 1.13
N GLU B 335 -25.50 -1.15 0.87
CA GLU B 335 -24.99 -2.30 0.12
C GLU B 335 -25.70 -3.61 0.49
N PRO B 336 -25.53 -4.04 1.73
CA PRO B 336 -26.05 -5.32 2.21
C PRO B 336 -27.55 -5.49 1.96
N GLU B 337 -28.33 -4.48 2.29
CA GLU B 337 -29.77 -4.51 2.05
C GLU B 337 -30.09 -4.57 0.55
N LEU B 338 -29.41 -3.76 -0.25
CA LEU B 338 -29.60 -3.83 -1.69
C LEU B 338 -29.16 -5.18 -2.22
N SER B 339 -28.19 -5.79 -1.53
CA SER B 339 -27.61 -7.07 -1.94
C SER B 339 -28.55 -8.23 -1.67
N LYS B 340 -29.40 -8.08 -0.67
CA LYS B 340 -30.40 -9.09 -0.34
C LYS B 340 -31.61 -9.03 -1.28
N MET B 341 -31.94 -7.84 -1.77
CA MET B 341 -33.07 -7.66 -2.69
C MET B 341 -32.85 -8.49 -3.96
N ALA B 349 -33.58 -9.30 -8.92
CA ALA B 349 -33.39 -8.17 -9.82
C ALA B 349 -34.32 -7.03 -9.45
N ILE B 350 -33.71 -5.95 -8.99
CA ILE B 350 -34.46 -4.78 -8.49
C ILE B 350 -35.19 -4.07 -9.64
N THR B 351 -36.36 -3.50 -9.35
CA THR B 351 -37.16 -2.84 -10.38
C THR B 351 -37.09 -1.31 -10.27
N LYS B 352 -37.54 -0.62 -11.31
CA LYS B 352 -37.58 0.84 -11.26
C LYS B 352 -38.40 1.30 -10.06
N LYS B 353 -39.49 0.60 -9.77
CA LYS B 353 -40.36 0.99 -8.66
C LYS B 353 -39.65 0.79 -7.33
N ASP B 354 -38.87 -0.28 -7.21
CA ASP B 354 -38.07 -0.50 -5.99
C ASP B 354 -37.15 0.69 -5.70
N LEU B 355 -36.41 1.09 -6.72
CA LEU B 355 -35.45 2.17 -6.57
C LEU B 355 -36.19 3.43 -6.21
N GLN B 356 -37.28 3.69 -6.93
CA GLN B 356 -38.10 4.85 -6.64
C GLN B 356 -38.62 4.87 -5.20
N ASN B 357 -38.85 3.68 -4.63
CA ASN B 357 -39.48 3.59 -3.29
C ASN B 357 -38.49 3.64 -2.12
N VAL B 358 -37.21 3.58 -2.42
CA VAL B 358 -36.19 3.66 -1.38
C VAL B 358 -36.35 4.95 -0.60
N PHE B 359 -36.48 4.87 0.72
CA PHE B 359 -36.52 6.07 1.56
C PHE B 359 -35.08 6.62 1.76
N ILE B 360 -34.92 7.94 1.71
CA ILE B 360 -33.60 8.56 1.92
C ILE B 360 -33.77 9.86 2.68
N PRO B 361 -32.92 10.07 3.70
CA PRO B 361 -33.03 11.31 4.48
C PRO B 361 -32.44 12.46 3.68
N LEU B 362 -33.13 13.59 3.65
CA LEU B 362 -32.72 14.67 2.76
C LEU B 362 -32.49 15.97 3.48
N PRO B 363 -31.21 16.31 3.76
CA PRO B 363 -30.90 17.66 4.27
C PRO B 363 -30.98 18.69 3.17
N PRO B 364 -30.90 19.98 3.54
CA PRO B 364 -30.65 21.07 2.59
C PRO B 364 -29.36 20.77 1.83
N LEU B 365 -29.23 21.28 0.60
CA LEU B 365 -28.03 21.00 -0.19
C LEU B 365 -26.75 21.32 0.55
N GLU B 366 -26.75 22.44 1.28
CA GLU B 366 -25.54 22.93 1.93
C GLU B 366 -25.03 21.95 2.99
N GLU B 367 -25.96 21.35 3.71
CA GLU B 367 -25.64 20.34 4.71
C GLU B 367 -25.23 19.02 4.06
N GLN B 368 -25.83 18.64 2.95
CA GLN B 368 -25.37 17.44 2.24
C GLN B 368 -23.91 17.62 1.89
N ARG B 369 -23.55 18.80 1.39
CA ARG B 369 -22.18 19.03 0.94
C ARG B 369 -21.21 19.04 2.13
N ARG B 370 -21.66 19.60 3.24
CA ARG B 370 -20.82 19.69 4.44
C ARG B 370 -20.48 18.30 4.92
N ILE B 371 -21.49 17.44 4.98
CA ILE B 371 -21.31 16.09 5.48
C ILE B 371 -20.50 15.27 4.48
N VAL B 372 -20.81 15.39 3.20
CA VAL B 372 -20.00 14.69 2.18
C VAL B 372 -18.51 15.04 2.31
N ALA B 373 -18.22 16.31 2.54
CA ALA B 373 -16.81 16.73 2.70
C ALA B 373 -16.13 15.97 3.84
N TYR B 374 -16.86 15.75 4.94
CA TYR B 374 -16.30 15.03 6.06
C TYR B 374 -16.13 13.55 5.75
N LEU B 375 -17.14 12.96 5.13
CA LEU B 375 -17.05 11.56 4.74
C LEU B 375 -15.91 11.33 3.72
N ASP B 376 -15.72 12.27 2.81
CA ASP B 376 -14.69 12.12 1.78
C ASP B 376 -13.31 12.01 2.46
N GLN B 377 -13.12 12.81 3.50
CA GLN B 377 -11.84 12.83 4.23
C GLN B 377 -11.58 11.45 4.81
N ILE B 378 -12.56 10.88 5.52
CA ILE B 378 -12.37 9.54 6.08
C ILE B 378 -12.21 8.46 5.01
N GLN B 379 -13.04 8.53 3.97
CA GLN B 379 -13.00 7.57 2.87
C GLN B 379 -11.60 7.53 2.26
N GLN B 380 -11.03 8.71 2.01
CA GLN B 380 -9.69 8.80 1.42
C GLN B 380 -8.67 8.10 2.32
N GLN B 381 -8.86 8.26 3.63
CA GLN B 381 -7.92 7.73 4.62
C GLN B 381 -8.05 6.23 4.77
N VAL B 382 -9.27 5.74 4.80
CA VAL B 382 -9.52 4.30 4.76
C VAL B 382 -8.86 3.67 3.52
N ALA B 383 -9.08 4.29 2.37
CA ALA B 383 -8.55 3.75 1.11
C ALA B 383 -7.04 3.65 1.19
N ALA B 384 -6.40 4.76 1.58
CA ALA B 384 -4.95 4.80 1.68
C ALA B 384 -4.40 3.73 2.62
N LEU B 385 -4.96 3.62 3.80
CA LEU B 385 -4.49 2.65 4.77
C LEU B 385 -4.65 1.23 4.22
N LYS B 386 -5.79 0.97 3.61
CA LYS B 386 -6.12 -0.38 3.14
C LYS B 386 -5.10 -0.85 2.12
N ARG B 387 -4.81 0.02 1.16
CA ARG B 387 -3.79 -0.25 0.15
C ARG B 387 -2.46 -0.62 0.83
N ALA B 388 -1.96 0.29 1.66
CA ALA B 388 -0.68 0.11 2.33
C ALA B 388 -0.56 -1.17 3.19
N GLN B 389 -1.69 -1.70 3.65
CA GLN B 389 -1.68 -2.97 4.38
C GLN B 389 -2.64 -3.96 3.72
N ALA B 390 -2.17 -4.58 2.65
CA ALA B 390 -2.95 -5.60 1.92
C ALA B 390 -1.96 -6.46 1.15
N GLU B 391 -1.45 -7.51 1.79
CA GLU B 391 -0.36 -8.29 1.22
C GLU B 391 0.84 -7.43 0.77
N THR B 392 1.58 -6.93 1.74
CA THR B 392 2.78 -6.17 1.46
C THR B 392 3.84 -6.82 2.32
N GLU B 393 3.49 -7.96 2.89
CA GLU B 393 4.43 -8.61 3.80
C GLU B 393 5.80 -8.82 3.16
N ALA B 394 5.81 -9.01 1.83
CA ALA B 394 7.05 -9.26 1.08
C ALA B 394 7.97 -8.04 1.05
N GLU B 395 7.50 -6.89 1.52
CA GLU B 395 8.37 -5.74 1.56
C GLU B 395 9.44 -5.89 2.63
N LEU B 396 9.14 -6.62 3.71
CA LEU B 396 10.04 -6.71 4.86
C LEU B 396 11.50 -7.10 4.50
N LYS B 397 11.67 -8.06 3.61
CA LYS B 397 13.01 -8.41 3.20
C LYS B 397 13.67 -7.20 2.54
N ARG B 398 12.88 -6.39 1.84
CA ARG B 398 13.49 -5.25 1.16
C ARG B 398 13.79 -4.09 2.11
N LEU B 399 12.94 -3.88 3.11
CA LEU B 399 13.31 -2.90 4.13
C LEU B 399 14.58 -3.31 4.90
N GLU B 400 14.70 -4.62 5.20
CA GLU B 400 15.92 -5.12 5.83
C GLU B 400 17.13 -4.76 4.96
N GLN B 401 17.02 -5.01 3.66
CA GLN B 401 18.16 -4.73 2.78
C GLN B 401 18.57 -3.24 2.83
N ALA B 402 17.58 -2.35 2.84
CA ALA B 402 17.87 -0.91 2.91
C ALA B 402 18.60 -0.58 4.22
N ILE B 403 18.23 -1.24 5.30
CA ILE B 403 18.94 -1.05 6.57
C ILE B 403 20.37 -1.59 6.50
N LEU B 404 20.51 -2.79 5.94
CA LEU B 404 21.84 -3.39 5.82
C LEU B 404 22.79 -2.57 4.94
N ASP B 405 22.27 -1.99 3.86
CA ASP B 405 23.14 -1.19 2.98
C ASP B 405 23.76 -0.05 3.76
N LYS B 406 22.98 0.56 4.63
CA LYS B 406 23.51 1.62 5.50
C LYS B 406 24.50 1.08 6.50
N ALA B 407 24.17 -0.05 7.10
CA ALA B 407 24.99 -0.63 8.16
C ALA B 407 26.39 -0.86 7.66
N PHE B 408 26.50 -1.45 6.48
CA PHE B 408 27.76 -1.97 6.05
C PHE B 408 28.60 -0.98 5.27
N ARG B 409 28.11 0.25 5.15
CA ARG B 409 28.91 1.35 4.57
C ARG B 409 29.35 2.29 5.68
N GLY B 410 28.87 2.03 6.90
CA GLY B 410 29.29 2.80 8.05
C GLY B 410 28.38 3.97 8.39
N ASP B 411 27.17 3.93 7.85
CA ASP B 411 26.21 5.02 8.03
C ASP B 411 25.15 4.74 9.07
N LEU B 412 25.20 3.57 9.70
CA LEU B 412 24.24 3.21 10.73
C LEU B 412 22.97 2.62 10.09
#